data_4W2Q
#
_entry.id   4W2Q
#
_cell.length_a   57.664
_cell.length_b   98.461
_cell.length_c   68.498
_cell.angle_alpha   90.00
_cell.angle_beta   96.23
_cell.angle_gamma   90.00
#
_symmetry.space_group_name_H-M   'P 1 21 1'
#
loop_
_entity.id
_entity.type
_entity.pdbx_description
1 polymer 'Anti-Marburgvirus Nucleoprotein Single Domain Antibody C'
2 polymer Nucleoprotein
3 water water
#
loop_
_entity_poly.entity_id
_entity_poly.type
_entity_poly.pdbx_seq_one_letter_code
_entity_poly.pdbx_strand_id
1 'polypeptide(L)'
;KVQLQESGGGLVQVGGSLRLSCKASGFTFRSSAMGWYRRAPGKQRELVASLTTTGTADYGDFVKGRFTISRDNAENTVDL
HMNSLKPEDTAVYYCHEDPYGMESLRYWGQGTQVTVSS
;
A,C,E,G
2 'polypeptide(L)' MGHHHHHHGGGSWPQRVVTKKGRTFLYPNDLLQTNPPESLITALVEEYQNPVSAKELQADWPDMSFDERRHVAMNL B,D,F,H
#
# COMPACT_ATOMS: atom_id res chain seq x y z
N LYS A 1 -19.88 -10.66 7.72
CA LYS A 1 -18.40 -10.72 7.46
C LYS A 1 -18.07 -12.01 6.74
N VAL A 2 -17.23 -11.90 5.71
CA VAL A 2 -16.89 -13.06 4.90
C VAL A 2 -15.87 -13.90 5.67
N GLN A 3 -16.27 -15.15 5.95
CA GLN A 3 -15.38 -16.17 6.47
C GLN A 3 -15.44 -17.28 5.43
N LEU A 4 -14.30 -17.87 5.14
CA LEU A 4 -14.21 -18.97 4.20
C LEU A 4 -13.81 -20.22 4.98
N GLN A 5 -14.68 -21.21 5.01
CA GLN A 5 -14.42 -22.44 5.75
C GLN A 5 -14.08 -23.53 4.76
N GLU A 6 -12.94 -24.19 4.96
CA GLU A 6 -12.51 -25.25 4.07
C GLU A 6 -12.63 -26.58 4.79
N SER A 7 -12.88 -27.63 4.02
CA SER A 7 -12.99 -28.97 4.58
C SER A 7 -12.85 -29.97 3.45
N GLY A 8 -12.48 -31.19 3.82
CA GLY A 8 -12.41 -32.27 2.87
C GLY A 8 -11.01 -32.65 2.43
N GLY A 9 -9.98 -32.09 3.05
CA GLY A 9 -8.62 -32.42 2.70
C GLY A 9 -8.21 -33.77 3.24
N GLY A 10 -6.93 -33.91 3.49
CA GLY A 10 -6.37 -35.06 4.17
C GLY A 10 -5.61 -35.95 3.20
N LEU A 11 -5.19 -37.10 3.73
CA LEU A 11 -4.38 -38.01 2.94
C LEU A 11 -5.20 -38.99 2.14
N VAL A 12 -4.71 -39.33 0.96
CA VAL A 12 -5.19 -40.43 0.14
C VAL A 12 -3.99 -40.84 -0.68
N GLN A 13 -3.75 -42.15 -0.79
CA GLN A 13 -2.54 -42.53 -1.50
C GLN A 13 -2.79 -42.52 -3.01
N VAL A 14 -1.69 -42.60 -3.77
CA VAL A 14 -1.69 -42.41 -5.22
C VAL A 14 -2.87 -43.11 -5.89
N GLY A 15 -3.37 -42.49 -6.96
CA GLY A 15 -4.54 -42.95 -7.68
C GLY A 15 -5.87 -42.66 -7.02
N GLY A 16 -5.89 -42.08 -5.83
CA GLY A 16 -7.12 -41.86 -5.09
C GLY A 16 -7.85 -40.60 -5.52
N SER A 17 -8.90 -40.29 -4.76
CA SER A 17 -9.76 -39.14 -5.03
C SER A 17 -10.10 -38.45 -3.72
N LEU A 18 -10.27 -37.13 -3.79
CA LEU A 18 -10.67 -36.34 -2.65
C LEU A 18 -11.71 -35.33 -3.09
N ARG A 19 -12.50 -34.87 -2.12
CA ARG A 19 -13.39 -33.72 -2.31
C ARG A 19 -12.95 -32.63 -1.36
N LEU A 20 -12.52 -31.51 -1.92
CA LEU A 20 -12.32 -30.32 -1.12
C LEU A 20 -13.60 -29.50 -1.20
N SER A 21 -14.02 -28.98 -0.06
CA SER A 21 -15.23 -28.19 0.02
C SER A 21 -14.88 -26.87 0.67
N CYS A 22 -15.52 -25.81 0.20
CA CYS A 22 -15.30 -24.49 0.76
C CYS A 22 -16.65 -23.78 0.75
N LYS A 23 -17.03 -23.26 1.90
CA LYS A 23 -18.30 -22.55 2.06
C LYS A 23 -17.98 -21.12 2.40
N ALA A 24 -18.52 -20.18 1.64
CA ALA A 24 -18.27 -18.76 1.88
C ALA A 24 -19.36 -18.15 2.75
N SER A 25 -18.96 -17.69 3.93
CA SER A 25 -19.90 -17.08 4.87
C SER A 25 -20.02 -15.60 4.61
N GLY A 26 -21.18 -15.04 4.90
CA GLY A 26 -21.39 -13.62 4.70
C GLY A 26 -22.07 -13.30 3.40
N PHE A 27 -21.91 -12.06 2.95
CA PHE A 27 -22.53 -11.58 1.73
C PHE A 27 -22.28 -12.43 0.50
N THR A 28 -23.34 -12.58 -0.30
CA THR A 28 -23.31 -13.31 -1.55
C THR A 28 -23.35 -12.21 -2.59
N PHE A 29 -22.19 -11.85 -3.11
CA PHE A 29 -22.14 -10.79 -4.10
C PHE A 29 -22.81 -11.31 -5.36
N ARG A 30 -23.45 -10.42 -6.10
CA ARG A 30 -24.19 -10.88 -7.28
C ARG A 30 -23.31 -11.60 -8.29
N SER A 31 -22.05 -11.20 -8.41
CA SER A 31 -21.12 -11.89 -9.30
C SER A 31 -19.81 -12.11 -8.53
N SER A 32 -19.23 -13.30 -8.70
CA SER A 32 -17.98 -13.61 -8.02
C SER A 32 -17.33 -14.82 -8.67
N ALA A 33 -16.02 -14.91 -8.49
CA ALA A 33 -15.25 -16.07 -8.88
C ALA A 33 -14.79 -16.81 -7.63
N MET A 34 -14.97 -18.12 -7.60
CA MET A 34 -14.49 -18.95 -6.50
C MET A 34 -13.62 -20.06 -7.07
N GLY A 35 -12.63 -20.47 -6.28
CA GLY A 35 -11.70 -21.47 -6.73
C GLY A 35 -10.70 -21.84 -5.66
N TRP A 36 -9.60 -22.43 -6.11
CA TRP A 36 -8.59 -22.96 -5.21
C TRP A 36 -7.21 -22.69 -5.78
N TYR A 37 -6.29 -22.28 -4.92
CA TYR A 37 -4.86 -22.25 -5.23
C TYR A 37 -4.16 -23.24 -4.31
N ARG A 38 -2.94 -23.59 -4.67
CA ARG A 38 -2.13 -24.47 -3.84
C ARG A 38 -0.73 -23.91 -3.72
N ARG A 39 -0.05 -24.32 -2.64
CA ARG A 39 1.37 -24.06 -2.46
C ARG A 39 2.04 -25.35 -2.00
N ALA A 40 2.92 -25.89 -2.86
CA ALA A 40 3.77 -27.01 -2.49
C ALA A 40 5.00 -26.47 -1.75
N PRO A 41 5.62 -27.27 -0.90
CA PRO A 41 6.68 -26.74 -0.03
C PRO A 41 7.81 -26.12 -0.82
N GLY A 42 8.24 -24.92 -0.39
CA GLY A 42 9.31 -24.21 -1.04
C GLY A 42 9.00 -23.66 -2.42
N LYS A 43 7.85 -24.00 -2.99
CA LYS A 43 7.49 -23.62 -4.35
C LYS A 43 6.60 -22.38 -4.32
N GLN A 44 6.22 -21.91 -5.51
CA GLN A 44 5.43 -20.70 -5.65
C GLN A 44 3.95 -21.01 -5.82
N ARG A 45 3.11 -20.15 -5.25
CA ARG A 45 1.66 -20.38 -5.22
C ARG A 45 1.12 -20.48 -6.65
N GLU A 46 0.34 -21.54 -6.90
CA GLU A 46 -0.21 -21.83 -8.21
C GLU A 46 -1.72 -21.81 -8.16
N LEU A 47 -2.34 -21.46 -9.31
CA LEU A 47 -3.78 -21.63 -9.47
C LEU A 47 -4.09 -23.09 -9.77
N VAL A 48 -5.02 -23.66 -9.01
CA VAL A 48 -5.50 -25.02 -9.27
C VAL A 48 -6.75 -24.99 -10.14
N ALA A 49 -7.80 -24.36 -9.64
CA ALA A 49 -9.08 -24.34 -10.34
C ALA A 49 -9.90 -23.15 -9.86
N SER A 50 -10.64 -22.53 -10.78
CA SER A 50 -11.50 -21.41 -10.45
C SER A 50 -12.75 -21.48 -11.31
N LEU A 51 -13.82 -20.89 -10.80
CA LEU A 51 -15.08 -20.90 -11.50
C LEU A 51 -15.87 -19.65 -11.16
N THR A 52 -16.39 -18.98 -12.17
CA THR A 52 -17.16 -17.77 -11.95
C THR A 52 -18.62 -18.07 -11.60
N THR A 53 -19.40 -17.01 -11.42
CA THR A 53 -20.82 -17.17 -11.12
C THR A 53 -21.63 -17.47 -12.39
N THR A 54 -21.05 -17.16 -13.55
CA THR A 54 -21.65 -17.43 -14.84
C THR A 54 -21.48 -18.91 -15.19
N GLY A 55 -20.41 -19.52 -14.68
CA GLY A 55 -20.18 -20.94 -14.89
C GLY A 55 -18.95 -21.39 -15.65
N THR A 56 -18.03 -20.48 -15.96
CA THR A 56 -16.83 -20.87 -16.69
C THR A 56 -15.72 -21.34 -15.76
N ALA A 57 -14.97 -22.36 -16.18
CA ALA A 57 -13.90 -22.87 -15.34
C ALA A 57 -12.51 -22.63 -15.93
N ASP A 58 -11.53 -22.43 -15.06
CA ASP A 58 -10.14 -22.24 -15.42
C ASP A 58 -9.31 -23.18 -14.57
N TYR A 59 -8.48 -23.99 -15.23
CA TYR A 59 -7.65 -24.98 -14.56
C TYR A 59 -6.17 -24.72 -14.83
N GLY A 60 -5.35 -25.03 -13.83
CA GLY A 60 -3.91 -25.04 -14.03
C GLY A 60 -3.51 -26.08 -15.06
N ASP A 61 -2.28 -25.95 -15.55
CA ASP A 61 -1.81 -26.87 -16.58
C ASP A 61 -1.82 -28.29 -16.06
N PHE A 62 -1.29 -28.51 -14.86
CA PHE A 62 -1.12 -29.86 -14.33
C PHE A 62 -2.43 -30.61 -14.15
N VAL A 63 -3.58 -29.93 -14.12
CA VAL A 63 -4.82 -30.63 -13.82
C VAL A 63 -5.08 -31.72 -14.85
N LYS A 64 -5.07 -31.37 -16.13
CA LYS A 64 -5.18 -32.33 -17.22
C LYS A 64 -6.40 -33.24 -17.06
N GLY A 65 -7.57 -32.61 -16.97
CA GLY A 65 -8.83 -33.32 -16.95
C GLY A 65 -9.07 -34.17 -15.71
N ARG A 66 -8.21 -34.09 -14.70
CA ARG A 66 -8.38 -34.93 -13.52
C ARG A 66 -9.42 -34.36 -12.56
N PHE A 67 -9.58 -33.04 -12.51
CA PHE A 67 -10.39 -32.39 -11.49
C PHE A 67 -11.69 -31.84 -12.07
N THR A 68 -12.71 -31.80 -11.21
CA THR A 68 -13.99 -31.22 -11.55
C THR A 68 -14.34 -30.20 -10.47
N ILE A 69 -14.73 -29.00 -10.89
CA ILE A 69 -15.11 -27.93 -9.98
C ILE A 69 -16.60 -27.66 -10.17
N SER A 70 -17.33 -27.63 -9.06
CA SER A 70 -18.75 -27.33 -9.10
C SER A 70 -19.07 -26.30 -8.02
N ARG A 71 -20.21 -25.63 -8.18
CA ARG A 71 -20.63 -24.58 -7.27
C ARG A 71 -22.12 -24.69 -7.06
N ASP A 72 -22.51 -24.54 -5.81
CA ASP A 72 -23.91 -24.52 -5.43
C ASP A 72 -24.08 -23.14 -4.85
N ASN A 73 -24.59 -22.21 -5.67
CA ASN A 73 -24.77 -20.83 -5.22
C ASN A 73 -25.81 -20.63 -4.12
N ALA A 74 -26.79 -21.54 -4.04
CA ALA A 74 -27.82 -21.49 -3.02
C ALA A 74 -27.15 -21.40 -1.66
N GLU A 75 -26.26 -22.35 -1.39
CA GLU A 75 -25.52 -22.37 -0.14
C GLU A 75 -24.17 -21.67 -0.25
N ASN A 76 -23.94 -20.98 -1.37
CA ASN A 76 -22.70 -20.26 -1.63
C ASN A 76 -21.47 -21.12 -1.36
N THR A 77 -21.45 -22.33 -1.91
CA THR A 77 -20.34 -23.23 -1.73
C THR A 77 -19.74 -23.69 -3.05
N VAL A 78 -18.53 -24.19 -2.99
CA VAL A 78 -17.82 -24.69 -4.16
C VAL A 78 -17.08 -25.94 -3.71
N ASP A 79 -17.12 -26.98 -4.55
CA ASP A 79 -16.53 -28.27 -4.23
C ASP A 79 -15.58 -28.64 -5.35
N LEU A 80 -14.43 -29.20 -4.98
CA LEU A 80 -13.45 -29.67 -5.95
C LEU A 80 -13.31 -31.17 -5.79
N HIS A 81 -13.70 -31.92 -6.82
CA HIS A 81 -13.54 -33.37 -6.87
C HIS A 81 -12.26 -33.66 -7.65
N MET A 82 -11.28 -34.21 -6.94
CA MET A 82 -9.96 -34.48 -7.49
C MET A 82 -9.82 -36.00 -7.64
N ASN A 83 -9.38 -36.44 -8.83
CA ASN A 83 -9.23 -37.86 -9.11
C ASN A 83 -7.81 -38.18 -9.55
N SER A 84 -7.44 -39.45 -9.42
CA SER A 84 -6.13 -39.96 -9.85
C SER A 84 -4.98 -39.12 -9.31
N LEU A 85 -4.98 -38.93 -8.00
CA LEU A 85 -4.00 -38.04 -7.39
C LEU A 85 -2.63 -38.71 -7.35
N LYS A 86 -1.60 -37.89 -7.26
CA LYS A 86 -0.22 -38.34 -7.40
C LYS A 86 0.67 -37.57 -6.44
N PRO A 87 1.88 -38.07 -6.18
CA PRO A 87 2.76 -37.40 -5.20
C PRO A 87 2.97 -35.92 -5.45
N GLU A 88 3.03 -35.50 -6.72
CA GLU A 88 3.25 -34.08 -7.01
C GLU A 88 2.11 -33.19 -6.55
N ASP A 89 0.91 -33.72 -6.38
CA ASP A 89 -0.23 -32.92 -5.97
C ASP A 89 -0.26 -32.63 -4.47
N THR A 90 0.70 -33.13 -3.70
CA THR A 90 0.73 -32.86 -2.27
C THR A 90 1.15 -31.42 -2.01
N ALA A 91 0.27 -30.67 -1.36
CA ALA A 91 0.48 -29.26 -1.09
C ALA A 91 -0.63 -28.78 -0.16
N VAL A 92 -0.53 -27.52 0.26
CA VAL A 92 -1.59 -26.85 1.01
C VAL A 92 -2.52 -26.17 0.02
N TYR A 93 -3.81 -26.48 0.13
CA TYR A 93 -4.83 -25.97 -0.79
C TYR A 93 -5.64 -24.88 -0.09
N TYR A 94 -5.65 -23.69 -0.70
CA TYR A 94 -6.31 -22.52 -0.15
C TYR A 94 -7.53 -22.22 -1.00
N CYS A 95 -8.65 -21.92 -0.33
CA CYS A 95 -9.86 -21.46 -1.00
C CYS A 95 -9.80 -19.95 -1.17
N HIS A 96 -10.51 -19.46 -2.19
CA HIS A 96 -10.55 -18.02 -2.41
C HIS A 96 -11.89 -17.62 -3.00
N GLU A 97 -12.33 -16.41 -2.62
CA GLU A 97 -13.51 -15.80 -3.20
C GLU A 97 -13.12 -14.41 -3.69
N ASP A 98 -13.49 -14.09 -4.91
CA ASP A 98 -13.14 -12.82 -5.55
C ASP A 98 -14.42 -12.07 -5.87
N PRO A 99 -14.86 -11.14 -5.02
CA PRO A 99 -16.06 -10.37 -5.33
C PRO A 99 -15.93 -9.72 -6.70
N TYR A 100 -16.94 -9.94 -7.55
CA TYR A 100 -16.92 -9.41 -8.91
C TYR A 100 -15.71 -9.91 -9.69
N GLY A 101 -15.13 -11.04 -9.29
CA GLY A 101 -14.02 -11.64 -10.00
C GLY A 101 -12.76 -10.81 -10.02
N MET A 102 -12.54 -9.98 -9.01
CA MET A 102 -11.40 -9.08 -8.98
C MET A 102 -10.42 -9.49 -7.89
N GLU A 103 -9.15 -9.69 -8.27
CA GLU A 103 -8.15 -10.19 -7.34
C GLU A 103 -7.91 -9.22 -6.20
N SER A 104 -8.15 -7.92 -6.42
CA SER A 104 -7.88 -6.93 -5.38
C SER A 104 -8.84 -7.06 -4.20
N LEU A 105 -10.00 -7.67 -4.39
CA LEU A 105 -10.98 -7.85 -3.34
C LEU A 105 -10.96 -9.26 -2.75
N ARG A 106 -9.92 -10.03 -3.05
CA ARG A 106 -9.94 -11.46 -2.76
C ARG A 106 -9.95 -11.72 -1.26
N TYR A 107 -10.80 -12.65 -0.83
CA TYR A 107 -10.72 -13.23 0.49
C TYR A 107 -10.03 -14.59 0.38
N TRP A 108 -9.28 -14.96 1.42
CA TRP A 108 -8.56 -16.22 1.43
C TRP A 108 -9.07 -17.09 2.57
N GLY A 109 -9.11 -18.41 2.33
CA GLY A 109 -9.25 -19.37 3.39
C GLY A 109 -7.93 -19.63 4.08
N GLN A 110 -7.98 -20.33 5.20
CA GLN A 110 -6.77 -20.60 5.97
C GLN A 110 -5.93 -21.74 5.41
N GLY A 111 -6.46 -22.49 4.45
CA GLY A 111 -5.69 -23.51 3.78
C GLY A 111 -5.93 -24.88 4.37
N THR A 112 -5.99 -25.89 3.51
CA THR A 112 -6.24 -27.26 3.94
C THR A 112 -5.20 -28.16 3.30
N GLN A 113 -4.63 -29.06 4.10
CA GLN A 113 -3.54 -29.90 3.64
C GLN A 113 -4.10 -31.10 2.90
N VAL A 114 -3.48 -31.41 1.77
CA VAL A 114 -3.75 -32.62 1.00
C VAL A 114 -2.45 -33.37 0.85
N THR A 115 -2.48 -34.68 1.08
CA THR A 115 -1.27 -35.50 1.08
C THR A 115 -1.47 -36.81 0.35
N VAL A 116 -0.55 -37.14 -0.55
CA VAL A 116 -0.56 -38.41 -1.26
C VAL A 116 0.46 -39.36 -0.63
N GLY B 10 -2.79 15.26 18.46
CA GLY B 10 -3.96 15.74 17.75
C GLY B 10 -4.97 14.65 17.43
N GLY B 11 -5.45 14.59 16.20
CA GLY B 11 -6.35 13.53 15.77
C GLY B 11 -7.82 13.81 15.97
N SER B 12 -8.61 13.48 14.94
CA SER B 12 -10.06 13.71 14.94
C SER B 12 -10.93 12.55 14.41
N TRP B 13 -12.24 12.77 14.49
CA TRP B 13 -13.27 11.82 14.05
C TRP B 13 -14.48 12.60 13.54
N PRO B 14 -14.86 12.49 12.27
CA PRO B 14 -14.44 11.44 11.33
C PRO B 14 -13.10 11.75 10.68
N GLN B 15 -12.45 10.74 10.13
CA GLN B 15 -11.12 10.93 9.57
C GLN B 15 -10.99 10.73 8.08
N ARG B 16 -10.21 11.61 7.50
CA ARG B 16 -9.90 11.52 6.09
C ARG B 16 -9.03 10.29 5.93
N VAL B 17 -9.37 9.47 4.95
CA VAL B 17 -8.64 8.23 4.74
C VAL B 17 -8.10 8.21 3.32
N VAL B 18 -6.85 7.81 3.18
CA VAL B 18 -6.25 7.56 1.89
C VAL B 18 -5.73 6.13 1.93
N THR B 19 -6.13 5.33 0.95
CA THR B 19 -5.81 3.92 0.94
C THR B 19 -4.48 3.70 0.23
N LYS B 20 -3.98 2.47 0.33
CA LYS B 20 -2.70 2.12 -0.28
C LYS B 20 -2.70 2.40 -1.78
N LYS B 21 -3.88 2.37 -2.39
CA LYS B 21 -4.04 2.61 -3.82
C LYS B 21 -4.56 4.01 -4.14
N GLY B 22 -4.59 4.91 -3.15
CA GLY B 22 -4.96 6.29 -3.38
C GLY B 22 -6.44 6.61 -3.40
N ARG B 23 -7.29 5.80 -2.79
CA ARG B 23 -8.70 6.13 -2.65
C ARG B 23 -8.91 7.07 -1.47
N THR B 24 -9.80 8.04 -1.64
CA THR B 24 -10.11 9.02 -0.60
C THR B 24 -11.59 9.01 -0.24
N PHE B 25 -11.86 8.92 1.06
CA PHE B 25 -13.23 9.06 1.56
C PHE B 25 -13.16 9.58 2.98
N LEU B 26 -14.31 10.00 3.49
CA LEU B 26 -14.43 10.43 4.88
C LEU B 26 -14.93 9.25 5.70
N TYR B 27 -14.12 8.82 6.66
CA TYR B 27 -14.36 7.58 7.43
C TYR B 27 -14.89 7.86 8.84
N PRO B 28 -16.03 7.26 9.21
CA PRO B 28 -16.81 6.21 8.55
C PRO B 28 -17.98 6.68 7.70
N ASN B 29 -18.19 7.99 7.62
CA ASN B 29 -19.45 8.50 7.10
C ASN B 29 -19.66 8.07 5.65
N ASP B 30 -18.62 8.21 4.83
CA ASP B 30 -18.75 7.87 3.41
C ASP B 30 -18.97 6.39 3.16
N LEU B 31 -18.87 5.55 4.19
CA LEU B 31 -19.14 4.12 4.06
C LEU B 31 -20.46 3.71 4.70
N LEU B 32 -21.25 4.66 5.20
CA LEU B 32 -22.49 4.35 5.89
C LEU B 32 -23.72 4.80 5.10
N GLN B 33 -23.57 4.98 3.79
CA GLN B 33 -24.60 5.60 2.98
C GLN B 33 -25.20 4.57 2.03
N THR B 34 -26.30 4.98 1.39
CA THR B 34 -26.94 4.10 0.43
C THR B 34 -26.08 3.91 -0.80
N ASN B 35 -25.22 4.90 -1.14
CA ASN B 35 -24.32 4.78 -2.28
C ASN B 35 -22.88 4.57 -1.85
N PRO B 36 -22.08 3.85 -2.64
CA PRO B 36 -20.65 3.72 -2.34
C PRO B 36 -19.94 5.05 -2.50
N PRO B 37 -18.80 5.23 -1.83
CA PRO B 37 -17.98 6.43 -2.04
C PRO B 37 -17.65 6.65 -3.51
N GLU B 38 -17.80 7.91 -3.95
CA GLU B 38 -17.66 8.23 -5.36
C GLU B 38 -16.30 7.83 -5.91
N SER B 39 -15.24 7.91 -5.08
CA SER B 39 -13.92 7.52 -5.58
C SER B 39 -13.90 6.06 -6.03
N LEU B 40 -14.58 5.18 -5.30
CA LEU B 40 -14.57 3.76 -5.68
C LEU B 40 -15.28 3.54 -7.01
N ILE B 41 -16.40 4.24 -7.23
CA ILE B 41 -17.08 4.11 -8.51
C ILE B 41 -16.20 4.61 -9.64
N THR B 42 -15.58 5.78 -9.44
CA THR B 42 -14.67 6.30 -10.46
C THR B 42 -13.52 5.34 -10.70
N ALA B 43 -12.99 4.73 -9.64
CA ALA B 43 -11.83 3.85 -9.79
C ALA B 43 -12.17 2.64 -10.66
N LEU B 44 -13.32 2.02 -10.42
CA LEU B 44 -13.70 0.84 -11.20
C LEU B 44 -13.91 1.19 -12.67
N VAL B 45 -14.46 2.39 -12.95
CA VAL B 45 -14.80 2.75 -14.32
C VAL B 45 -13.55 3.11 -15.11
N GLU B 46 -12.72 4.02 -14.58
CA GLU B 46 -11.61 4.56 -15.35
C GLU B 46 -10.31 3.82 -15.12
N GLU B 47 -10.01 3.48 -13.87
CA GLU B 47 -8.76 2.79 -13.56
C GLU B 47 -8.80 1.35 -14.03
N TYR B 48 -9.80 0.59 -13.59
CA TYR B 48 -9.94 -0.80 -13.98
C TYR B 48 -10.61 -0.98 -15.35
N GLN B 49 -11.25 0.06 -15.89
CA GLN B 49 -12.04 -0.06 -17.12
C GLN B 49 -13.04 -1.21 -17.05
N ASN B 50 -13.78 -1.25 -15.94
CA ASN B 50 -14.76 -2.31 -15.67
C ASN B 50 -16.08 -1.71 -15.17
N PRO B 51 -16.86 -1.09 -16.06
CA PRO B 51 -18.14 -0.52 -15.63
C PRO B 51 -19.08 -1.54 -15.05
N VAL B 52 -18.92 -2.81 -15.42
CA VAL B 52 -19.81 -3.85 -14.90
C VAL B 52 -19.66 -3.95 -13.39
N SER B 53 -18.41 -3.98 -12.90
CA SER B 53 -18.16 -3.99 -11.47
C SER B 53 -18.82 -2.80 -10.79
N ALA B 54 -18.70 -1.62 -11.39
CA ALA B 54 -19.31 -0.42 -10.82
C ALA B 54 -20.83 -0.56 -10.71
N LYS B 55 -21.48 -1.08 -11.76
CA LYS B 55 -22.94 -1.22 -11.70
C LYS B 55 -23.34 -2.21 -10.62
N GLU B 56 -22.56 -3.28 -10.44
CA GLU B 56 -22.89 -4.32 -9.48
C GLU B 56 -22.58 -3.87 -8.05
N LEU B 57 -21.49 -3.13 -7.83
CA LEU B 57 -21.23 -2.63 -6.49
C LEU B 57 -22.30 -1.62 -6.09
N GLN B 58 -22.75 -0.82 -7.05
CA GLN B 58 -23.78 0.16 -6.78
C GLN B 58 -25.08 -0.54 -6.42
N ALA B 59 -25.26 -1.77 -6.91
CA ALA B 59 -26.49 -2.50 -6.64
C ALA B 59 -26.40 -3.28 -5.33
N ASP B 60 -25.26 -3.88 -5.04
CA ASP B 60 -25.12 -4.65 -3.81
C ASP B 60 -24.94 -3.77 -2.58
N TRP B 61 -24.43 -2.55 -2.76
CA TRP B 61 -24.01 -1.74 -1.62
C TRP B 61 -25.07 -1.64 -0.55
N PRO B 62 -26.31 -1.26 -0.84
CA PRO B 62 -27.31 -1.12 0.24
C PRO B 62 -27.46 -2.37 1.09
N ASP B 63 -27.20 -3.54 0.53
CA ASP B 63 -27.34 -4.80 1.26
C ASP B 63 -26.02 -5.26 1.87
N MET B 64 -24.93 -4.53 1.64
CA MET B 64 -23.62 -4.96 2.10
C MET B 64 -23.44 -4.55 3.55
N SER B 65 -22.93 -5.47 4.38
CA SER B 65 -22.60 -5.13 5.75
C SER B 65 -21.39 -4.19 5.79
N PHE B 66 -21.17 -3.59 6.95
CA PHE B 66 -20.10 -2.60 7.07
C PHE B 66 -18.73 -3.27 6.85
N ASP B 67 -18.55 -4.47 7.41
CA ASP B 67 -17.29 -5.18 7.23
C ASP B 67 -16.95 -5.32 5.75
N GLU B 68 -17.94 -5.66 4.93
CA GLU B 68 -17.68 -5.88 3.51
C GLU B 68 -17.46 -4.56 2.77
N ARG B 69 -18.22 -3.52 3.11
CA ARG B 69 -17.96 -2.20 2.55
C ARG B 69 -16.55 -1.76 2.89
N ARG B 70 -16.11 -1.98 4.13
CA ARG B 70 -14.76 -1.58 4.52
C ARG B 70 -13.75 -2.38 3.72
N HIS B 71 -13.97 -3.69 3.62
CA HIS B 71 -13.08 -4.56 2.84
C HIS B 71 -12.91 -4.06 1.41
N VAL B 72 -14.02 -3.70 0.77
CA VAL B 72 -13.95 -3.19 -0.59
C VAL B 72 -13.23 -1.85 -0.61
N ALA B 73 -13.63 -0.95 0.29
CA ALA B 73 -13.08 0.40 0.25
C ALA B 73 -11.58 0.39 0.48
N MET B 74 -11.09 -0.48 1.37
CA MET B 74 -9.68 -0.47 1.70
C MET B 74 -8.81 -1.16 0.65
N ASN B 75 -9.38 -2.06 -0.16
CA ASN B 75 -8.59 -2.88 -1.07
C ASN B 75 -8.83 -2.62 -2.55
N LEU B 76 -9.76 -1.74 -2.90
CA LEU B 76 -10.08 -1.49 -4.30
C LEU B 76 -9.21 -0.33 -4.77
N LYS C 1 -13.09 -7.45 21.16
CA LYS C 1 -12.04 -8.31 21.77
C LYS C 1 -11.26 -9.00 20.68
N VAL C 2 -9.94 -8.98 20.81
CA VAL C 2 -9.11 -9.79 19.92
C VAL C 2 -9.11 -11.20 20.49
N GLN C 3 -9.56 -12.16 19.68
CA GLN C 3 -9.43 -13.57 20.00
C GLN C 3 -8.56 -14.19 18.91
N LEU C 4 -7.66 -15.06 19.32
CA LEU C 4 -6.76 -15.76 18.41
C LEU C 4 -7.21 -17.21 18.39
N GLN C 5 -7.62 -17.68 17.21
CA GLN C 5 -8.15 -19.02 17.06
C GLN C 5 -7.10 -19.88 16.38
N GLU C 6 -6.79 -21.02 16.99
CA GLU C 6 -5.78 -21.93 16.49
C GLU C 6 -6.44 -23.19 15.93
N SER C 7 -5.73 -23.84 15.00
CA SER C 7 -6.22 -25.06 14.39
C SER C 7 -5.03 -25.81 13.77
N GLY C 8 -5.23 -27.10 13.56
CA GLY C 8 -4.22 -27.93 12.92
C GLY C 8 -3.52 -28.89 13.85
N GLY C 9 -4.00 -29.07 15.07
CA GLY C 9 -3.35 -29.97 15.99
C GLY C 9 -3.61 -31.41 15.60
N GLY C 10 -3.60 -32.32 16.56
CA GLY C 10 -3.93 -33.70 16.29
C GLY C 10 -2.70 -34.60 16.34
N LEU C 11 -2.89 -35.82 15.84
CA LEU C 11 -1.90 -36.87 15.90
C LEU C 11 -0.94 -36.77 14.72
N VAL C 12 0.30 -37.19 14.95
CA VAL C 12 1.30 -37.29 13.90
C VAL C 12 2.31 -38.37 14.28
N GLN C 13 2.75 -39.16 13.31
CA GLN C 13 3.74 -40.20 13.58
C GLN C 13 5.13 -39.60 13.60
N VAL C 14 6.04 -40.25 14.33
CA VAL C 14 7.40 -39.71 14.44
C VAL C 14 7.99 -39.52 13.05
N GLY C 15 8.83 -38.48 12.91
CA GLY C 15 9.37 -38.14 11.61
C GLY C 15 8.39 -37.46 10.68
N GLY C 16 7.14 -37.31 11.09
CA GLY C 16 6.09 -36.73 10.26
C GLY C 16 6.09 -35.22 10.30
N SER C 17 5.03 -34.65 9.73
CA SER C 17 4.89 -33.20 9.60
C SER C 17 3.47 -32.76 9.92
N LEU C 18 3.35 -31.56 10.50
CA LEU C 18 2.07 -30.89 10.74
C LEU C 18 2.17 -29.42 10.36
N ARG C 19 1.00 -28.85 10.10
CA ARG C 19 0.84 -27.41 9.87
C ARG C 19 -0.13 -26.87 10.91
N LEU C 20 0.34 -25.94 11.74
CA LEU C 20 -0.49 -25.20 12.66
C LEU C 20 -0.83 -23.81 12.09
N SER C 21 -2.10 -23.42 12.22
CA SER C 21 -2.58 -22.14 11.72
C SER C 21 -3.31 -21.37 12.83
N CYS C 22 -3.17 -20.05 12.78
CA CYS C 22 -3.79 -19.17 13.77
C CYS C 22 -4.30 -17.92 13.07
N LYS C 23 -5.57 -17.55 13.32
CA LYS C 23 -6.17 -16.36 12.73
C LYS C 23 -6.66 -15.42 13.83
N ALA C 24 -6.29 -14.14 13.72
CA ALA C 24 -6.63 -13.13 14.73
C ALA C 24 -7.90 -12.38 14.32
N SER C 25 -8.91 -12.54 15.16
CA SER C 25 -10.20 -11.91 14.97
C SER C 25 -10.25 -10.65 15.81
N GLY C 26 -11.10 -9.73 15.39
CA GLY C 26 -11.23 -8.48 16.10
C GLY C 26 -10.54 -7.38 15.33
N PHE C 27 -9.89 -6.51 16.08
CA PHE C 27 -9.23 -5.35 15.51
C PHE C 27 -7.84 -5.56 14.90
N THR C 28 -7.73 -5.30 13.60
CA THR C 28 -6.43 -5.31 12.93
C THR C 28 -5.70 -4.03 13.34
N PHE C 29 -4.71 -4.16 14.21
CA PHE C 29 -3.80 -3.06 14.50
C PHE C 29 -2.93 -2.79 13.30
N ARG C 30 -2.37 -1.57 13.24
CA ARG C 30 -1.55 -1.19 12.10
C ARG C 30 -0.43 -2.19 11.89
N SER C 31 0.20 -2.62 12.98
CA SER C 31 1.34 -3.52 12.94
C SER C 31 1.24 -4.50 14.10
N SER C 32 1.74 -5.72 13.87
CA SER C 32 1.79 -6.68 14.95
C SER C 32 2.83 -7.72 14.61
N ALA C 33 3.37 -8.35 15.66
CA ALA C 33 4.25 -9.49 15.55
C ALA C 33 3.45 -10.69 16.01
N MET C 34 3.45 -11.76 15.21
CA MET C 34 2.71 -12.98 15.52
C MET C 34 3.66 -14.17 15.49
N GLY C 35 3.30 -15.18 16.27
CA GLY C 35 4.14 -16.35 16.35
C GLY C 35 3.50 -17.44 17.18
N TRP C 36 4.33 -18.37 17.65
CA TRP C 36 3.89 -19.54 18.38
C TRP C 36 4.84 -19.86 19.51
N TYR C 37 4.27 -20.19 20.66
CA TYR C 37 4.99 -20.80 21.76
C TYR C 37 4.38 -22.18 22.01
N ARG C 38 5.13 -23.03 22.70
CA ARG C 38 4.64 -24.34 23.12
C ARG C 38 5.05 -24.56 24.56
N ARG C 39 4.31 -25.43 25.25
CA ARG C 39 4.70 -25.93 26.55
C ARG C 39 4.52 -27.43 26.57
N ALA C 40 5.62 -28.17 26.72
CA ALA C 40 5.58 -29.61 26.91
C ALA C 40 5.33 -29.93 28.37
N PRO C 41 4.79 -31.12 28.65
CA PRO C 41 4.38 -31.43 30.03
C PRO C 41 5.52 -31.30 31.02
N GLY C 42 5.22 -30.69 32.17
CA GLY C 42 6.18 -30.48 33.22
C GLY C 42 7.22 -29.42 32.92
N LYS C 43 7.31 -28.95 31.68
CA LYS C 43 8.29 -27.96 31.29
C LYS C 43 7.63 -26.58 31.15
N GLN C 44 8.46 -25.57 30.88
CA GLN C 44 8.01 -24.19 30.83
C GLN C 44 7.81 -23.73 29.40
N ARG C 45 6.83 -22.84 29.20
CA ARG C 45 6.47 -22.40 27.86
C ARG C 45 7.65 -21.71 27.19
N GLU C 46 8.02 -22.19 26.00
CA GLU C 46 9.16 -21.71 25.24
C GLU C 46 8.75 -21.18 23.87
N LEU C 47 9.59 -20.30 23.33
CA LEU C 47 9.39 -19.80 21.97
C LEU C 47 9.69 -20.88 20.94
N VAL C 48 8.74 -21.07 20.02
CA VAL C 48 8.93 -21.95 18.86
C VAL C 48 9.32 -21.10 17.66
N ALA C 49 8.40 -20.23 17.24
CA ALA C 49 8.63 -19.41 16.06
C ALA C 49 7.74 -18.18 16.13
N SER C 50 8.29 -17.04 15.70
CA SER C 50 7.53 -15.80 15.62
C SER C 50 8.09 -14.94 14.49
N LEU C 51 7.26 -14.01 14.03
CA LEU C 51 7.60 -13.18 12.88
C LEU C 51 7.42 -11.73 13.29
N THR C 52 8.51 -10.97 13.25
CA THR C 52 8.43 -9.58 13.63
C THR C 52 7.43 -8.88 12.72
N THR C 53 7.11 -7.64 13.06
CA THR C 53 6.11 -6.91 12.30
C THR C 53 6.45 -6.92 10.82
N THR C 54 7.73 -6.79 10.48
CA THR C 54 8.19 -6.69 9.09
C THR C 54 8.43 -8.03 8.41
N GLY C 55 8.43 -9.14 9.13
CA GLY C 55 8.59 -10.44 8.53
C GLY C 55 9.95 -11.09 8.71
N THR C 56 10.70 -10.72 9.73
CA THR C 56 11.93 -11.42 10.09
C THR C 56 11.56 -12.54 11.06
N ALA C 57 12.15 -13.71 10.87
CA ALA C 57 11.77 -14.88 11.65
C ALA C 57 12.75 -15.12 12.79
N ASP C 58 12.22 -15.59 13.90
CA ASP C 58 12.97 -15.95 15.09
C ASP C 58 12.48 -17.32 15.54
N TYR C 59 13.41 -18.26 15.73
CA TYR C 59 13.07 -19.64 16.02
C TYR C 59 13.67 -20.04 17.36
N GLY C 60 12.99 -20.93 18.07
CA GLY C 60 13.57 -21.54 19.24
C GLY C 60 14.79 -22.36 18.89
N ASP C 61 15.59 -22.64 19.92
CA ASP C 61 16.84 -23.37 19.70
C ASP C 61 16.59 -24.77 19.14
N PHE C 62 15.65 -25.50 19.74
CA PHE C 62 15.41 -26.89 19.35
C PHE C 62 14.95 -27.03 17.90
N VAL C 63 14.50 -25.93 17.28
CA VAL C 63 13.88 -26.02 15.96
C VAL C 63 14.83 -26.65 14.96
N LYS C 64 16.07 -26.17 14.91
CA LYS C 64 17.10 -26.72 14.03
C LYS C 64 16.63 -26.79 12.58
N GLY C 65 16.13 -25.67 12.08
CA GLY C 65 15.75 -25.59 10.68
C GLY C 65 14.64 -26.54 10.29
N ARG C 66 14.03 -27.22 11.26
CA ARG C 66 12.98 -28.18 10.94
C ARG C 66 11.64 -27.49 10.69
N PHE C 67 11.38 -26.39 11.36
CA PHE C 67 10.11 -25.68 11.32
C PHE C 67 10.26 -24.38 10.52
N THR C 68 9.18 -24.00 9.82
CA THR C 68 9.12 -22.76 9.07
C THR C 68 7.83 -22.02 9.40
N ILE C 69 7.95 -20.71 9.61
CA ILE C 69 6.83 -19.84 9.96
C ILE C 69 6.54 -18.90 8.80
N SER C 70 5.28 -18.80 8.41
CA SER C 70 4.82 -17.94 7.33
C SER C 70 3.61 -17.12 7.79
N ARG C 71 3.37 -16.01 7.10
CA ARG C 71 2.31 -15.09 7.51
C ARG C 71 1.63 -14.44 6.31
N ASP C 72 0.31 -14.40 6.34
CA ASP C 72 -0.50 -13.65 5.38
C ASP C 72 -1.39 -12.65 6.13
N ASN C 73 -0.99 -11.39 6.09
CA ASN C 73 -1.67 -10.32 6.80
C ASN C 73 -2.99 -9.89 6.20
N ALA C 74 -3.23 -10.26 4.94
CA ALA C 74 -4.48 -9.93 4.28
C ALA C 74 -5.58 -10.56 5.12
N GLU C 75 -5.44 -11.85 5.37
CA GLU C 75 -6.38 -12.60 6.20
C GLU C 75 -5.93 -12.68 7.66
N ASN C 76 -4.92 -11.89 8.01
CA ASN C 76 -4.39 -11.81 9.38
C ASN C 76 -4.07 -13.17 9.99
N THR C 77 -3.41 -14.05 9.25
CA THR C 77 -3.10 -15.36 9.82
C THR C 77 -1.60 -15.56 9.94
N VAL C 78 -1.22 -16.51 10.79
CA VAL C 78 0.16 -16.96 10.91
C VAL C 78 0.16 -18.48 10.93
N ASP C 79 1.10 -19.10 10.20
CA ASP C 79 1.15 -20.54 10.00
C ASP C 79 2.52 -21.09 10.41
N LEU C 80 2.50 -22.25 11.07
CA LEU C 80 3.73 -22.96 11.43
C LEU C 80 3.74 -24.31 10.72
N HIS C 81 4.72 -24.50 9.84
CA HIS C 81 4.90 -25.76 9.13
C HIS C 81 5.99 -26.53 9.86
N MET C 82 5.63 -27.66 10.46
CA MET C 82 6.56 -28.46 11.26
C MET C 82 6.89 -29.74 10.51
N ASN C 83 8.19 -29.99 10.31
CA ASN C 83 8.66 -31.19 9.65
C ASN C 83 9.66 -31.91 10.54
N SER C 84 9.89 -33.19 10.24
CA SER C 84 10.87 -33.99 10.96
C SER C 84 10.64 -33.94 12.47
N LEU C 85 9.41 -34.26 12.86
CA LEU C 85 8.99 -34.15 14.25
C LEU C 85 9.57 -35.26 15.11
N LYS C 86 9.57 -35.03 16.41
CA LYS C 86 10.16 -35.90 17.40
C LYS C 86 9.22 -35.98 18.59
N PRO C 87 9.39 -36.98 19.45
CA PRO C 87 8.51 -37.09 20.63
C PRO C 87 8.57 -35.86 21.52
N GLU C 88 9.73 -35.22 21.61
CA GLU C 88 9.89 -34.06 22.49
C GLU C 88 9.01 -32.89 22.06
N ASP C 89 8.55 -32.88 20.80
CA ASP C 89 7.72 -31.80 20.30
C ASP C 89 6.25 -31.91 20.72
N THR C 90 5.89 -32.97 21.43
CA THR C 90 4.51 -33.13 21.89
C THR C 90 4.26 -32.13 23.00
N ALA C 91 3.30 -31.23 22.78
CA ALA C 91 3.06 -30.13 23.70
C ALA C 91 1.79 -29.40 23.27
N VAL C 92 1.38 -28.43 24.08
CA VAL C 92 0.30 -27.50 23.74
C VAL C 92 0.94 -26.31 23.03
N TYR C 93 0.45 -25.99 21.84
CA TYR C 93 1.03 -24.91 21.04
C TYR C 93 0.12 -23.70 21.12
N TYR C 94 0.67 -22.58 21.58
CA TYR C 94 -0.09 -21.35 21.80
C TYR C 94 0.30 -20.32 20.75
N CYS C 95 -0.71 -19.67 20.18
CA CYS C 95 -0.51 -18.55 19.27
C CYS C 95 -0.49 -17.25 20.07
N HIS C 96 0.17 -16.23 19.51
CA HIS C 96 0.23 -14.92 20.15
C HIS C 96 0.24 -13.82 19.09
N GLU C 97 -0.34 -12.68 19.45
CA GLU C 97 -0.32 -11.47 18.63
C GLU C 97 0.18 -10.33 19.51
N ASP C 98 1.12 -9.56 18.98
CA ASP C 98 1.76 -8.46 19.71
C ASP C 98 1.47 -7.14 19.00
N PRO C 99 0.47 -6.38 19.43
CA PRO C 99 0.22 -5.08 18.81
C PRO C 99 1.47 -4.20 18.82
N TYR C 100 1.81 -3.66 17.64
CA TYR C 100 2.97 -2.78 17.45
C TYR C 100 4.28 -3.48 17.83
N GLY C 101 4.30 -4.81 17.75
CA GLY C 101 5.52 -5.55 18.03
C GLY C 101 6.02 -5.40 19.45
N MET C 102 5.13 -5.16 20.39
CA MET C 102 5.51 -4.92 21.78
C MET C 102 5.02 -6.08 22.63
N GLU C 103 5.96 -6.72 23.33
CA GLU C 103 5.61 -7.92 24.09
C GLU C 103 4.63 -7.61 25.21
N SER C 104 4.63 -6.39 25.73
CA SER C 104 3.78 -6.03 26.86
C SER C 104 2.31 -5.98 26.49
N LEU C 105 1.96 -5.87 25.21
CA LEU C 105 0.57 -5.84 24.77
C LEU C 105 0.08 -7.19 24.24
N ARG C 106 0.82 -8.27 24.50
CA ARG C 106 0.60 -9.54 23.84
C ARG C 106 -0.76 -10.16 24.17
N TYR C 107 -1.42 -10.67 23.15
CA TYR C 107 -2.57 -11.55 23.29
C TYR C 107 -2.12 -13.01 23.15
N TRP C 108 -2.80 -13.89 23.89
CA TRP C 108 -2.51 -15.31 23.88
C TRP C 108 -3.72 -16.07 23.39
N GLY C 109 -3.46 -17.13 22.61
CA GLY C 109 -4.49 -18.09 22.27
C GLY C 109 -4.71 -19.10 23.37
N GLN C 110 -5.79 -19.86 23.23
CA GLN C 110 -6.11 -20.83 24.27
C GLN C 110 -5.30 -22.12 24.13
N GLY C 111 -4.66 -22.33 22.99
CA GLY C 111 -3.75 -23.44 22.82
C GLY C 111 -4.38 -24.64 22.14
N THR C 112 -3.61 -25.32 21.31
CA THR C 112 -4.08 -26.53 20.65
C THR C 112 -3.00 -27.60 20.76
N GLN C 113 -3.42 -28.83 21.06
CA GLN C 113 -2.51 -29.92 21.37
C GLN C 113 -1.98 -30.62 20.11
N VAL C 114 -0.70 -30.96 20.15
CA VAL C 114 -0.05 -31.79 19.15
C VAL C 114 0.54 -33.00 19.85
N THR C 115 0.40 -34.17 19.24
CA THR C 115 0.89 -35.42 19.81
C THR C 115 1.64 -36.19 18.74
N VAL C 116 2.88 -36.54 19.04
CA VAL C 116 3.74 -37.30 18.14
C VAL C 116 3.74 -38.75 18.63
N SER C 117 3.10 -39.62 17.87
CA SER C 117 3.07 -41.04 18.18
C SER C 117 4.48 -41.63 18.04
N PRO D 14 -17.49 5.71 38.33
CA PRO D 14 -16.17 5.97 37.78
C PRO D 14 -15.11 5.88 38.89
N GLN D 15 -13.96 5.26 38.60
CA GLN D 15 -12.94 4.97 39.59
C GLN D 15 -11.56 5.43 39.14
N ARG D 16 -10.79 6.00 40.08
CA ARG D 16 -9.36 6.17 39.86
C ARG D 16 -8.69 4.80 39.88
N VAL D 17 -7.96 4.48 38.81
CA VAL D 17 -7.30 3.20 38.66
C VAL D 17 -5.82 3.44 38.39
N VAL D 18 -4.97 2.58 38.95
CA VAL D 18 -3.53 2.63 38.76
C VAL D 18 -3.05 1.31 38.16
N THR D 19 -2.28 1.40 37.08
CA THR D 19 -1.86 0.22 36.33
C THR D 19 -0.57 -0.39 36.88
N LYS D 20 -0.22 -1.55 36.32
CA LYS D 20 0.91 -2.34 36.79
C LYS D 20 2.21 -1.55 36.74
N LYS D 21 2.31 -0.59 35.81
CA LYS D 21 3.51 0.22 35.63
C LYS D 21 3.33 1.63 36.18
N GLY D 22 2.29 1.87 36.97
CA GLY D 22 2.11 3.17 37.61
C GLY D 22 1.42 4.22 36.77
N ARG D 23 0.64 3.83 35.78
CA ARG D 23 -0.22 4.75 35.06
C ARG D 23 -1.47 4.98 35.90
N THR D 24 -1.99 6.20 35.87
CA THR D 24 -3.21 6.57 36.58
C THR D 24 -4.24 7.03 35.58
N PHE D 25 -5.47 6.55 35.71
CA PHE D 25 -6.55 6.95 34.81
C PHE D 25 -7.86 7.05 35.58
N LEU D 26 -8.85 7.59 34.88
CA LEU D 26 -10.21 7.68 35.36
C LEU D 26 -10.89 6.62 34.51
N TYR D 27 -11.25 5.50 35.12
CA TYR D 27 -11.86 4.40 34.38
C TYR D 27 -13.38 4.43 34.47
N PRO D 28 -14.04 4.58 33.33
CA PRO D 28 -13.42 4.31 32.04
C PRO D 28 -13.42 5.54 31.14
N ASN D 29 -13.65 6.71 31.72
CA ASN D 29 -13.71 7.95 30.96
C ASN D 29 -12.46 8.26 30.17
N ASP D 30 -11.29 7.96 30.73
CA ASP D 30 -10.04 8.21 30.02
C ASP D 30 -9.87 7.30 28.83
N LEU D 31 -10.71 6.29 28.66
CA LEU D 31 -10.63 5.38 27.52
C LEU D 31 -11.75 5.58 26.50
N LEU D 32 -12.61 6.59 26.69
CA LEU D 32 -13.75 6.82 25.81
C LEU D 32 -13.56 8.07 24.95
N GLN D 33 -12.32 8.45 24.68
CA GLN D 33 -12.04 9.70 23.99
C GLN D 33 -11.43 9.40 22.62
N THR D 34 -11.43 10.43 21.77
CA THR D 34 -10.85 10.25 20.44
C THR D 34 -9.35 10.10 20.50
N ASN D 35 -8.72 10.67 21.49
CA ASN D 35 -7.28 10.56 21.64
C ASN D 35 -6.94 9.61 22.77
N PRO D 36 -5.84 8.85 22.65
CA PRO D 36 -5.41 8.01 23.77
C PRO D 36 -4.98 8.87 24.94
N PRO D 37 -5.06 8.36 26.16
CA PRO D 37 -4.48 9.08 27.29
C PRO D 37 -3.02 9.43 27.01
N GLU D 38 -2.67 10.69 27.25
CA GLU D 38 -1.35 11.19 26.82
C GLU D 38 -0.22 10.40 27.46
N SER D 39 -0.41 9.90 28.67
CA SER D 39 0.62 9.12 29.35
C SER D 39 1.10 7.96 28.48
N LEU D 40 0.17 7.34 27.75
CA LEU D 40 0.50 6.21 26.90
C LEU D 40 1.42 6.64 25.77
N ILE D 41 1.20 7.83 25.22
CA ILE D 41 2.07 8.33 24.16
C ILE D 41 3.47 8.62 24.70
N THR D 42 3.57 9.35 25.82
CA THR D 42 4.87 9.64 26.40
C THR D 42 5.61 8.36 26.75
N ALA D 43 4.88 7.35 27.23
CA ALA D 43 5.53 6.08 27.56
C ALA D 43 6.15 5.46 26.33
N LEU D 44 5.41 5.43 25.22
CA LEU D 44 5.97 4.86 24.00
C LEU D 44 7.16 5.67 23.51
N VAL D 45 7.10 6.99 23.69
CA VAL D 45 8.20 7.84 23.24
C VAL D 45 9.39 7.74 24.19
N GLU D 46 9.13 7.86 25.49
CA GLU D 46 10.21 7.96 26.46
C GLU D 46 10.60 6.63 27.08
N GLU D 47 9.63 5.78 27.44
CA GLU D 47 9.98 4.48 28.01
C GLU D 47 10.43 3.52 26.92
N TYR D 48 9.59 3.30 25.91
CA TYR D 48 9.89 2.35 24.85
C TYR D 48 10.82 2.93 23.79
N GLN D 49 11.03 4.24 23.79
CA GLN D 49 11.85 4.90 22.79
C GLN D 49 11.40 4.51 21.38
N ASN D 50 10.08 4.56 21.15
CA ASN D 50 9.50 4.10 19.90
C ASN D 50 8.49 5.11 19.39
N PRO D 51 8.95 6.26 18.87
CA PRO D 51 8.00 7.26 18.37
C PRO D 51 7.15 6.75 17.23
N VAL D 52 7.65 5.81 16.43
CA VAL D 52 6.86 5.26 15.33
C VAL D 52 5.65 4.51 15.88
N SER D 53 5.88 3.65 16.88
CA SER D 53 4.77 2.98 17.54
C SER D 53 3.80 3.98 18.14
N ALA D 54 4.32 5.03 18.78
CA ALA D 54 3.44 6.04 19.35
C ALA D 54 2.55 6.65 18.27
N LYS D 55 3.14 6.99 17.12
CA LYS D 55 2.34 7.56 16.04
C LYS D 55 1.26 6.60 15.58
N GLU D 56 1.52 5.29 15.62
CA GLU D 56 0.52 4.33 15.15
C GLU D 56 -0.64 4.17 16.13
N LEU D 57 -0.36 4.25 17.44
CA LEU D 57 -1.45 4.19 18.41
C LEU D 57 -2.37 5.41 18.27
N GLN D 58 -1.80 6.59 18.05
CA GLN D 58 -2.61 7.79 17.87
C GLN D 58 -3.55 7.65 16.68
N ALA D 59 -3.15 6.88 15.67
CA ALA D 59 -3.98 6.71 14.48
C ALA D 59 -5.03 5.61 14.64
N ASP D 60 -4.72 4.54 15.36
CA ASP D 60 -5.67 3.45 15.54
C ASP D 60 -6.73 3.79 16.57
N TRP D 61 -6.43 4.66 17.52
CA TRP D 61 -7.31 4.83 18.68
C TRP D 61 -8.74 5.15 18.30
N PRO D 62 -9.01 6.14 17.45
CA PRO D 62 -10.42 6.46 17.14
C PRO D 62 -11.23 5.29 16.61
N ASP D 63 -10.61 4.33 15.94
CA ASP D 63 -11.32 3.18 15.39
C ASP D 63 -11.23 1.96 16.29
N MET D 64 -10.54 2.07 17.43
CA MET D 64 -10.35 0.93 18.33
C MET D 64 -11.56 0.75 19.23
N SER D 65 -11.99 -0.49 19.37
CA SER D 65 -13.05 -0.83 20.30
C SER D 65 -12.55 -0.66 21.75
N PHE D 66 -13.51 -0.68 22.68
CA PHE D 66 -13.16 -0.36 24.06
C PHE D 66 -12.22 -1.39 24.67
N ASP D 67 -12.50 -2.68 24.45
CA ASP D 67 -11.65 -3.72 25.03
C ASP D 67 -10.19 -3.51 24.66
N GLU D 68 -9.94 -3.15 23.41
CA GLU D 68 -8.57 -2.97 22.96
C GLU D 68 -7.95 -1.73 23.56
N ARG D 69 -8.74 -0.67 23.75
CA ARG D 69 -8.26 0.48 24.50
C ARG D 69 -7.89 0.07 25.92
N ARG D 70 -8.74 -0.72 26.58
CA ARG D 70 -8.42 -1.18 27.92
C ARG D 70 -7.18 -2.05 27.92
N HIS D 71 -7.08 -2.96 26.96
CA HIS D 71 -5.91 -3.83 26.87
C HIS D 71 -4.62 -3.02 26.82
N VAL D 72 -4.59 -1.98 25.99
CA VAL D 72 -3.40 -1.15 25.88
C VAL D 72 -3.14 -0.40 27.18
N ALA D 73 -4.17 0.24 27.73
CA ALA D 73 -3.98 1.12 28.89
C ALA D 73 -3.47 0.33 30.10
N MET D 74 -3.97 -0.88 30.30
CA MET D 74 -3.62 -1.64 31.50
C MET D 74 -2.27 -2.33 31.40
N ASN D 75 -1.78 -2.57 30.18
CA ASN D 75 -0.60 -3.40 29.98
C ASN D 75 0.60 -2.67 29.41
N LEU D 76 0.48 -1.38 29.10
CA LEU D 76 1.58 -0.65 28.47
C LEU D 76 2.49 -0.01 29.50
N LYS E 1 12.87 9.42 -19.37
CA LYS E 1 11.75 9.70 -18.44
C LYS E 1 10.75 10.60 -19.16
N VAL E 2 9.46 10.28 -19.05
CA VAL E 2 8.41 11.10 -19.64
C VAL E 2 8.09 12.26 -18.70
N GLN E 3 8.22 13.48 -19.19
CA GLN E 3 7.77 14.69 -18.50
C GLN E 3 6.79 15.48 -19.35
N LEU E 4 5.82 16.09 -18.68
CA LEU E 4 4.82 16.91 -19.35
C LEU E 4 5.08 18.37 -18.97
N GLN E 5 5.42 19.18 -19.97
CA GLN E 5 5.69 20.59 -19.75
C GLN E 5 4.52 21.42 -20.27
N GLU E 6 4.05 22.31 -19.42
CA GLU E 6 2.87 23.13 -19.66
C GLU E 6 3.30 24.58 -19.89
N SER E 7 2.47 25.30 -20.64
CA SER E 7 2.75 26.71 -20.92
C SER E 7 1.46 27.38 -21.35
N GLY E 8 1.43 28.70 -21.18
CA GLY E 8 0.30 29.52 -21.57
C GLY E 8 -0.55 30.02 -20.43
N GLY E 9 -0.12 29.83 -19.19
CA GLY E 9 -0.85 30.32 -18.04
C GLY E 9 -0.67 31.81 -17.85
N GLY E 10 -0.87 32.24 -16.62
CA GLY E 10 -0.66 33.64 -16.27
C GLY E 10 -1.97 34.36 -16.09
N LEU E 11 -1.88 35.69 -16.05
CA LEU E 11 -3.06 36.51 -15.85
C LEU E 11 -3.83 36.72 -17.15
N VAL E 12 -5.14 36.87 -17.01
CA VAL E 12 -6.01 37.27 -18.10
C VAL E 12 -7.19 38.00 -17.48
N GLN E 13 -7.63 39.07 -18.13
CA GLN E 13 -8.76 39.81 -17.59
C GLN E 13 -10.06 39.11 -17.97
N VAL E 14 -11.10 39.36 -17.18
CA VAL E 14 -12.39 38.69 -17.37
C VAL E 14 -12.82 38.88 -18.82
N GLY E 15 -13.48 37.88 -19.38
CA GLY E 15 -13.86 37.90 -20.78
C GLY E 15 -12.75 37.62 -21.76
N GLY E 16 -11.52 37.46 -21.30
CA GLY E 16 -10.39 37.29 -22.19
C GLY E 16 -10.25 35.85 -22.65
N SER E 17 -9.12 35.58 -23.33
CA SER E 17 -8.86 34.28 -23.91
C SER E 17 -7.40 33.89 -23.66
N LEU E 18 -7.17 32.60 -23.50
CA LEU E 18 -5.84 32.05 -23.34
C LEU E 18 -5.71 30.78 -24.17
N ARG E 19 -4.47 30.41 -24.48
CA ARG E 19 -4.14 29.09 -24.99
C ARG E 19 -3.17 28.41 -24.03
N LEU E 20 -3.59 27.30 -23.46
CA LEU E 20 -2.70 26.44 -22.69
C LEU E 20 -2.19 25.33 -23.59
N SER E 21 -0.90 25.08 -23.53
CA SER E 21 -0.25 24.06 -24.34
C SER E 21 0.55 23.14 -23.45
N CYS E 22 0.62 21.87 -23.84
CA CYS E 22 1.32 20.84 -23.10
C CYS E 22 2.02 19.93 -24.09
N LYS E 23 3.33 19.75 -23.89
CA LYS E 23 4.16 18.92 -24.76
C LYS E 23 4.70 17.76 -23.95
N ALA E 24 4.56 16.56 -24.47
CA ALA E 24 5.02 15.36 -23.80
C ALA E 24 6.41 15.02 -24.34
N SER E 25 7.38 14.96 -23.44
CA SER E 25 8.75 14.62 -23.75
C SER E 25 9.00 13.17 -23.38
N GLY E 26 10.02 12.59 -23.99
CA GLY E 26 10.33 11.21 -23.75
C GLY E 26 9.59 10.34 -24.75
N PHE E 27 9.43 9.08 -24.40
CA PHE E 27 8.88 8.13 -25.36
C PHE E 27 7.45 8.50 -25.71
N THR E 28 7.18 8.62 -27.01
CA THR E 28 5.83 8.86 -27.52
C THR E 28 5.17 7.50 -27.80
N PHE E 29 4.21 7.11 -26.96
CA PHE E 29 3.48 5.87 -27.21
C PHE E 29 2.63 6.06 -28.46
N ARG E 30 2.44 4.99 -29.24
CA ARG E 30 1.73 5.12 -30.51
C ARG E 30 0.28 5.56 -30.33
N SER E 31 -0.34 5.26 -29.20
CA SER E 31 -1.71 5.67 -28.91
C SER E 31 -1.76 6.30 -27.53
N SER E 32 -2.53 7.38 -27.37
CA SER E 32 -2.66 7.99 -26.06
C SER E 32 -3.83 8.96 -26.01
N ALA E 33 -4.29 9.21 -24.79
CA ALA E 33 -5.28 10.24 -24.49
C ALA E 33 -4.59 11.37 -23.74
N MET E 34 -4.80 12.61 -24.18
CA MET E 34 -4.23 13.79 -23.55
C MET E 34 -5.30 14.83 -23.25
N GLY E 35 -5.08 15.62 -22.21
CA GLY E 35 -6.06 16.62 -21.82
C GLY E 35 -5.59 17.49 -20.67
N TRP E 36 -6.56 18.10 -19.99
CA TRP E 36 -6.29 19.04 -18.91
C TRP E 36 -7.33 18.84 -17.83
N TYR E 37 -6.87 18.85 -16.57
CA TYR E 37 -7.72 18.96 -15.40
C TYR E 37 -7.38 20.25 -14.65
N ARG E 38 -8.28 20.67 -13.77
CA ARG E 38 -8.03 21.84 -12.93
C ARG E 38 -8.36 21.54 -11.48
N ARG E 39 -7.71 22.29 -10.59
CA ARG E 39 -8.00 22.29 -9.16
C ARG E 39 -8.13 23.74 -8.71
N ALA E 40 -9.33 24.16 -8.38
CA ALA E 40 -9.51 25.45 -7.77
C ALA E 40 -9.31 25.34 -6.27
N PRO E 41 -8.90 26.41 -5.59
CA PRO E 41 -8.60 26.30 -4.16
C PRO E 41 -9.81 25.83 -3.37
N GLY E 42 -9.56 24.92 -2.43
CA GLY E 42 -10.59 24.32 -1.62
C GLY E 42 -11.45 23.29 -2.30
N LYS E 43 -11.39 23.18 -3.63
CA LYS E 43 -12.14 22.15 -4.35
C LYS E 43 -11.22 21.01 -4.75
N GLN E 44 -11.83 19.97 -5.29
CA GLN E 44 -11.12 18.78 -5.74
C GLN E 44 -10.95 18.82 -7.25
N ARG E 45 -9.87 18.20 -7.70
CA ARG E 45 -9.46 18.27 -9.09
C ARG E 45 -10.61 17.85 -9.99
N GLU E 46 -10.94 18.70 -10.96
CA GLU E 46 -12.04 18.45 -11.87
C GLU E 46 -11.51 18.27 -13.29
N LEU E 47 -12.27 17.53 -14.08
CA LEU E 47 -11.95 17.37 -15.48
C LEU E 47 -12.29 18.67 -16.22
N VAL E 48 -11.33 19.17 -16.99
CA VAL E 48 -11.60 20.32 -17.85
C VAL E 48 -11.91 19.84 -19.26
N ALA E 49 -10.93 19.20 -19.90
CA ALA E 49 -11.08 18.76 -21.28
C ALA E 49 -10.06 17.67 -21.57
N SER E 50 -10.46 16.70 -22.38
CA SER E 50 -9.56 15.62 -22.78
C SER E 50 -9.86 15.18 -24.20
N LEU E 51 -8.88 14.51 -24.80
CA LEU E 51 -8.98 14.02 -26.17
C LEU E 51 -8.56 12.57 -26.18
N THR E 52 -9.50 11.68 -26.47
CA THR E 52 -9.21 10.26 -26.52
C THR E 52 -8.26 9.96 -27.68
N THR E 53 -7.83 8.71 -27.74
CA THR E 53 -6.82 8.27 -28.71
C THR E 53 -7.22 8.64 -30.14
N THR E 54 -8.49 8.45 -30.49
CA THR E 54 -8.97 8.66 -31.85
C THR E 54 -9.35 10.10 -32.16
N GLY E 55 -9.42 10.97 -31.18
CA GLY E 55 -9.76 12.36 -31.40
C GLY E 55 -11.16 12.76 -30.97
N THR E 56 -11.78 12.03 -30.05
CA THR E 56 -13.04 12.42 -29.46
C THR E 56 -12.77 13.25 -28.22
N ALA E 57 -13.52 14.34 -28.06
CA ALA E 57 -13.31 15.27 -26.95
C ALA E 57 -14.37 15.08 -25.89
N ASP E 58 -13.97 15.26 -24.63
CA ASP E 58 -14.87 15.19 -23.50
C ASP E 58 -14.58 16.39 -22.61
N TYR E 59 -15.62 17.16 -22.29
CA TYR E 59 -15.46 18.42 -21.57
C TYR E 59 -16.25 18.35 -20.27
N GLY E 60 -15.73 19.03 -19.25
CA GLY E 60 -16.48 19.19 -18.02
C GLY E 60 -17.78 19.94 -18.23
N ASP E 61 -18.66 19.82 -17.23
CA ASP E 61 -19.97 20.46 -17.32
C ASP E 61 -19.85 21.98 -17.42
N PHE E 62 -19.01 22.58 -16.55
CA PHE E 62 -18.93 24.04 -16.48
C PHE E 62 -18.45 24.65 -17.79
N VAL E 63 -17.86 23.88 -18.69
CA VAL E 63 -17.26 24.44 -19.91
C VAL E 63 -18.30 25.16 -20.75
N LYS E 64 -19.40 24.48 -21.07
CA LYS E 64 -20.50 25.09 -21.82
C LYS E 64 -20.00 25.72 -23.11
N GLY E 65 -19.27 24.94 -23.90
CA GLY E 65 -18.81 25.35 -25.21
C GLY E 65 -17.80 26.47 -25.24
N ARG E 66 -17.29 26.90 -24.08
CA ARG E 66 -16.35 28.02 -24.05
C ARG E 66 -14.93 27.62 -24.42
N PHE E 67 -14.51 26.40 -24.07
CA PHE E 67 -13.14 25.96 -24.28
C PHE E 67 -13.11 24.93 -25.40
N THR E 68 -12.01 24.92 -26.17
CA THR E 68 -11.82 23.95 -27.24
C THR E 68 -10.43 23.34 -27.15
N ILE E 69 -10.36 22.02 -27.29
CA ILE E 69 -9.11 21.27 -27.20
C ILE E 69 -8.76 20.71 -28.58
N SER E 70 -7.53 20.94 -29.01
CA SER E 70 -7.02 20.45 -30.28
C SER E 70 -5.68 19.77 -30.02
N ARG E 71 -5.19 19.01 -30.99
CA ARG E 71 -3.99 18.23 -30.76
C ARG E 71 -3.11 18.24 -32.00
N ASP E 72 -1.82 18.47 -31.78
CA ASP E 72 -0.80 18.41 -32.82
C ASP E 72 0.12 17.24 -32.45
N ASN E 73 -0.02 16.14 -33.18
CA ASN E 73 0.72 14.93 -32.89
C ASN E 73 2.15 14.96 -33.39
N ALA E 74 2.45 15.83 -34.37
CA ALA E 74 3.83 15.96 -34.84
C ALA E 74 4.78 16.28 -33.70
N GLU E 75 4.40 17.19 -32.82
CA GLU E 75 5.22 17.55 -31.66
C GLU E 75 4.67 16.99 -30.36
N ASN E 76 3.58 16.21 -30.42
CA ASN E 76 3.10 15.48 -29.25
C ASN E 76 2.55 16.46 -28.22
N THR E 77 1.83 17.47 -28.69
CA THR E 77 1.31 18.52 -27.83
C THR E 77 -0.21 18.54 -27.90
N VAL E 78 -0.82 19.11 -26.87
CA VAL E 78 -2.26 19.32 -26.84
C VAL E 78 -2.51 20.76 -26.41
N ASP E 79 -3.47 21.41 -27.06
CA ASP E 79 -3.73 22.82 -26.83
C ASP E 79 -5.19 23.01 -26.45
N LEU E 80 -5.42 23.85 -25.44
CA LEU E 80 -6.76 24.18 -24.98
C LEU E 80 -6.98 25.67 -25.21
N HIS E 81 -7.96 25.99 -26.06
CA HIS E 81 -8.27 27.37 -26.40
C HIS E 81 -9.44 27.79 -25.51
N MET E 82 -9.19 28.73 -24.60
CA MET E 82 -10.18 29.16 -23.63
C MET E 82 -10.66 30.56 -23.95
N ASN E 83 -11.99 30.73 -24.06
CA ASN E 83 -12.62 32.00 -24.37
C ASN E 83 -13.62 32.36 -23.28
N SER E 84 -13.95 33.65 -23.21
CA SER E 84 -14.96 34.15 -22.28
C SER E 84 -14.69 33.69 -20.85
N LEU E 85 -13.47 33.94 -20.39
CA LEU E 85 -13.10 33.43 -19.08
C LEU E 85 -13.74 34.26 -17.97
N LYS E 86 -13.90 33.62 -16.81
CA LYS E 86 -14.67 34.17 -15.71
C LYS E 86 -14.00 33.84 -14.38
N PRO E 87 -14.39 34.51 -13.29
CA PRO E 87 -13.67 34.31 -12.01
C PRO E 87 -13.54 32.86 -11.55
N GLU E 88 -14.56 32.01 -11.74
CA GLU E 88 -14.42 30.62 -11.33
C GLU E 88 -13.40 29.86 -12.16
N ASP E 89 -13.04 30.36 -13.34
CA ASP E 89 -12.06 29.65 -14.14
C ASP E 89 -10.66 29.79 -13.57
N THR E 90 -10.52 30.56 -12.49
CA THR E 90 -9.25 30.70 -11.80
C THR E 90 -8.95 29.44 -11.00
N ALA E 91 -7.84 28.77 -11.34
CA ALA E 91 -7.49 27.51 -10.71
C ALA E 91 -6.10 27.13 -11.21
N VAL E 92 -5.57 26.03 -10.67
CA VAL E 92 -4.35 25.42 -11.17
C VAL E 92 -4.76 24.39 -12.22
N TYR E 93 -4.19 24.50 -13.42
CA TYR E 93 -4.53 23.65 -14.54
C TYR E 93 -3.40 22.64 -14.78
N TYR E 94 -3.74 21.36 -14.73
CA TYR E 94 -2.77 20.29 -14.86
C TYR E 94 -2.99 19.57 -16.18
N CYS E 95 -1.90 19.28 -16.88
CA CYS E 95 -1.95 18.45 -18.09
C CYS E 95 -1.80 16.98 -17.72
N HIS E 96 -2.31 16.12 -18.60
CA HIS E 96 -2.18 14.69 -18.37
C HIS E 96 -2.02 13.98 -19.71
N GLU E 97 -1.29 12.86 -19.67
CA GLU E 97 -1.14 11.96 -20.79
C GLU E 97 -1.48 10.55 -20.30
N ASP E 98 -2.35 9.86 -21.03
CA ASP E 98 -2.78 8.52 -20.64
C ASP E 98 -2.39 7.55 -21.75
N PRO E 99 -1.26 6.87 -21.65
CA PRO E 99 -0.85 5.92 -22.70
C PRO E 99 -1.95 4.93 -23.03
N TYR E 100 -2.24 4.80 -24.32
CA TYR E 100 -3.25 3.89 -24.83
C TYR E 100 -4.63 4.18 -24.26
N GLY E 101 -4.86 5.43 -23.82
CA GLY E 101 -6.13 5.84 -23.27
C GLY E 101 -6.49 5.18 -21.96
N MET E 102 -5.50 4.79 -21.15
CA MET E 102 -5.76 4.07 -19.90
C MET E 102 -5.40 4.95 -18.71
N GLU E 103 -6.38 5.19 -17.85
CA GLU E 103 -6.17 6.10 -16.73
C GLU E 103 -5.14 5.55 -15.76
N SER E 104 -4.98 4.23 -15.71
CA SER E 104 -4.06 3.63 -14.75
C SER E 104 -2.60 3.96 -15.05
N LEU E 105 -2.30 4.38 -16.28
CA LEU E 105 -0.94 4.74 -16.67
C LEU E 105 -0.73 6.25 -16.68
N ARG E 106 -1.63 6.99 -16.05
CA ARG E 106 -1.69 8.44 -16.22
C ARG E 106 -0.41 9.11 -15.72
N TYR E 107 0.13 10.02 -16.54
CA TYR E 107 1.14 10.98 -16.13
C TYR E 107 0.49 12.32 -15.81
N TRP E 108 1.07 13.04 -14.86
CA TRP E 108 0.58 14.37 -14.48
C TRP E 108 1.67 15.41 -14.68
N GLY E 109 1.28 16.60 -15.14
CA GLY E 109 2.15 17.76 -15.10
C GLY E 109 2.15 18.41 -13.74
N GLN E 110 3.09 19.33 -13.54
CA GLN E 110 3.19 20.00 -12.24
C GLN E 110 2.19 21.13 -12.08
N GLY E 111 1.49 21.49 -13.14
CA GLY E 111 0.47 22.51 -13.06
C GLY E 111 0.88 23.93 -13.35
N THR E 112 -0.01 24.64 -14.02
CA THR E 112 0.19 26.03 -14.40
C THR E 112 -0.88 26.86 -13.72
N GLN E 113 -0.52 28.08 -13.32
CA GLN E 113 -1.46 28.96 -12.67
C GLN E 113 -2.24 29.84 -13.63
N VAL E 114 -3.55 29.92 -13.41
CA VAL E 114 -4.41 30.76 -14.22
C VAL E 114 -5.23 31.61 -13.27
N THR E 115 -5.28 32.91 -13.53
CA THR E 115 -5.98 33.83 -12.66
C THR E 115 -6.80 34.78 -13.53
N VAL E 116 -8.09 34.86 -13.24
CA VAL E 116 -8.99 35.73 -13.99
C VAL E 116 -9.30 36.97 -13.16
N GLY F 9 20.82 -10.63 6.75
CA GLY F 9 19.76 -10.16 5.86
C GLY F 9 19.82 -10.76 4.47
N GLY F 10 18.66 -11.15 3.94
CA GLY F 10 18.61 -11.80 2.65
C GLY F 10 18.63 -10.83 1.50
N GLY F 11 17.73 -11.02 0.53
CA GLY F 11 17.68 -10.15 -0.62
C GLY F 11 18.64 -10.58 -1.71
N SER F 12 18.15 -10.57 -2.95
CA SER F 12 18.95 -10.95 -4.10
C SER F 12 18.77 -10.00 -5.29
N TRP F 13 19.37 -10.38 -6.40
CA TRP F 13 19.32 -9.64 -7.66
C TRP F 13 19.54 -10.63 -8.80
N PRO F 14 18.47 -11.04 -9.48
CA PRO F 14 17.23 -10.29 -9.66
C PRO F 14 16.22 -10.59 -8.58
N GLN F 15 15.32 -9.66 -8.33
CA GLN F 15 14.35 -9.86 -7.28
C GLN F 15 12.90 -9.99 -7.73
N ARG F 16 12.24 -11.00 -7.19
CA ARG F 16 10.81 -11.16 -7.44
C ARG F 16 10.06 -9.96 -6.87
N VAL F 17 9.22 -9.37 -7.71
CA VAL F 17 8.50 -8.15 -7.36
C VAL F 17 7.01 -8.44 -7.48
N VAL F 18 6.23 -7.90 -6.54
CA VAL F 18 4.78 -7.93 -6.61
C VAL F 18 4.29 -6.48 -6.56
N THR F 19 3.47 -6.10 -7.52
CA THR F 19 3.01 -4.72 -7.62
C THR F 19 1.74 -4.51 -6.83
N LYS F 20 1.34 -3.24 -6.72
CA LYS F 20 0.13 -2.91 -5.95
C LYS F 20 -1.08 -3.69 -6.44
N LYS F 21 -1.12 -4.06 -7.72
CA LYS F 21 -2.26 -4.73 -8.31
C LYS F 21 -2.05 -6.23 -8.55
N GLY F 22 -1.03 -6.81 -7.94
CA GLY F 22 -0.84 -8.25 -8.01
C GLY F 22 -0.14 -8.76 -9.25
N ARG F 23 0.60 -7.91 -9.94
CA ARG F 23 1.45 -8.38 -11.02
C ARG F 23 2.76 -8.87 -10.43
N THR F 24 3.23 -10.01 -10.91
CA THR F 24 4.48 -10.58 -10.45
C THR F 24 5.39 -10.80 -11.65
N PHE F 25 6.61 -10.27 -11.54
CA PHE F 25 7.64 -10.45 -12.54
C PHE F 25 8.98 -10.39 -11.81
N LEU F 26 10.02 -10.81 -12.50
CA LEU F 26 11.36 -10.84 -11.96
C LEU F 26 12.10 -9.57 -12.38
N TYR F 27 12.48 -8.76 -11.40
CA TYR F 27 13.07 -7.44 -11.66
C TYR F 27 14.58 -7.45 -11.44
N PRO F 28 15.36 -6.91 -12.40
CA PRO F 28 14.94 -6.13 -13.57
C PRO F 28 14.80 -6.94 -14.86
N ASN F 29 15.11 -8.24 -14.78
CA ASN F 29 15.32 -9.02 -16.00
C ASN F 29 14.04 -9.10 -16.84
N ASP F 30 12.88 -9.29 -16.21
CA ASP F 30 11.65 -9.39 -16.98
C ASP F 30 11.29 -8.11 -17.70
N LEU F 31 11.98 -7.00 -17.45
CA LEU F 31 11.74 -5.75 -18.16
C LEU F 31 12.84 -5.41 -19.16
N LEU F 32 13.82 -6.30 -19.35
CA LEU F 32 14.94 -6.02 -20.24
C LEU F 32 14.88 -6.85 -21.52
N GLN F 33 13.68 -7.27 -21.91
CA GLN F 33 13.45 -8.13 -23.06
C GLN F 33 12.70 -7.37 -24.14
N THR F 34 12.70 -7.96 -25.35
CA THR F 34 12.02 -7.35 -26.49
C THR F 34 10.50 -7.33 -26.32
N ASN F 35 9.94 -8.29 -25.59
CA ASN F 35 8.51 -8.33 -25.34
C ASN F 35 8.22 -7.99 -23.88
N PRO F 36 7.10 -7.35 -23.59
CA PRO F 36 6.74 -7.09 -22.20
C PRO F 36 6.50 -8.38 -21.44
N PRO F 37 6.61 -8.35 -20.11
CA PRO F 37 6.26 -9.54 -19.32
C PRO F 37 4.86 -10.03 -19.67
N GLU F 38 4.75 -11.34 -19.93
CA GLU F 38 3.48 -11.89 -20.38
C GLU F 38 2.37 -11.61 -19.38
N SER F 39 2.72 -11.45 -18.11
CA SER F 39 1.71 -11.14 -17.11
C SER F 39 0.89 -9.93 -17.52
N LEU F 40 1.56 -8.91 -18.06
CA LEU F 40 0.88 -7.68 -18.43
C LEU F 40 -0.06 -7.90 -19.62
N ILE F 41 0.38 -8.68 -20.60
CA ILE F 41 -0.44 -8.91 -21.79
C ILE F 41 -1.71 -9.66 -21.40
N THR F 42 -1.56 -10.71 -20.61
CA THR F 42 -2.75 -11.43 -20.13
C THR F 42 -3.67 -10.49 -19.36
N ALA F 43 -3.11 -9.59 -18.56
CA ALA F 43 -3.93 -8.67 -17.79
C ALA F 43 -4.74 -7.77 -18.72
N LEU F 44 -4.11 -7.24 -19.76
CA LEU F 44 -4.81 -6.34 -20.67
C LEU F 44 -5.92 -7.05 -21.42
N VAL F 45 -5.71 -8.31 -21.79
CA VAL F 45 -6.70 -9.04 -22.57
C VAL F 45 -7.86 -9.49 -21.68
N GLU F 46 -7.55 -10.10 -20.53
CA GLU F 46 -8.58 -10.76 -19.73
C GLU F 46 -9.20 -9.85 -18.68
N GLU F 47 -8.39 -9.06 -17.96
CA GLU F 47 -8.94 -8.16 -16.97
C GLU F 47 -9.53 -6.91 -17.60
N TYR F 48 -8.70 -6.14 -18.33
CA TYR F 48 -9.14 -4.89 -18.92
C TYR F 48 -9.97 -5.07 -20.19
N GLN F 49 -9.91 -6.24 -20.82
CA GLN F 49 -10.56 -6.46 -22.10
C GLN F 49 -10.27 -5.33 -23.08
N ASN F 50 -8.98 -5.05 -23.24
CA ASN F 50 -8.48 -3.95 -24.06
C ASN F 50 -7.47 -4.53 -25.05
N PRO F 51 -7.95 -5.24 -26.07
CA PRO F 51 -7.00 -5.86 -27.02
C PRO F 51 -6.16 -4.84 -27.75
N VAL F 52 -6.71 -3.65 -27.99
CA VAL F 52 -5.97 -2.61 -28.69
C VAL F 52 -4.75 -2.21 -27.87
N SER F 53 -4.95 -1.97 -26.57
CA SER F 53 -3.85 -1.64 -25.69
C SER F 53 -2.76 -2.71 -25.71
N ALA F 54 -3.15 -3.99 -25.64
CA ALA F 54 -2.16 -5.06 -25.62
C ALA F 54 -1.36 -5.11 -26.90
N LYS F 55 -2.03 -5.09 -28.04
CA LYS F 55 -1.33 -5.17 -29.31
C LYS F 55 -0.41 -3.97 -29.52
N GLU F 56 -0.82 -2.79 -29.06
CA GLU F 56 0.00 -1.58 -29.25
C GLU F 56 1.20 -1.56 -28.30
N LEU F 57 1.02 -2.07 -27.08
CA LEU F 57 2.15 -2.16 -26.17
C LEU F 57 3.20 -3.15 -26.65
N GLN F 58 2.79 -4.31 -27.18
CA GLN F 58 3.77 -5.24 -27.71
C GLN F 58 4.57 -4.61 -28.83
N ALA F 59 3.99 -3.64 -29.53
CA ALA F 59 4.71 -3.01 -30.64
C ALA F 59 5.63 -1.92 -30.13
N ASP F 60 5.23 -1.19 -29.09
CA ASP F 60 6.04 -0.10 -28.57
C ASP F 60 7.22 -0.59 -27.74
N TRP F 61 7.09 -1.76 -27.11
CA TRP F 61 8.05 -2.17 -26.08
C TRP F 61 9.49 -2.10 -26.51
N PRO F 62 9.89 -2.65 -27.65
CA PRO F 62 11.32 -2.64 -27.99
C PRO F 62 11.95 -1.26 -28.01
N ASP F 63 11.18 -0.22 -28.31
CA ASP F 63 11.74 1.13 -28.43
C ASP F 63 11.59 1.95 -27.15
N MET F 64 10.97 1.41 -26.12
CA MET F 64 10.68 2.20 -24.92
C MET F 64 11.92 2.23 -24.05
N SER F 65 12.27 3.41 -23.55
CA SER F 65 13.35 3.48 -22.57
C SER F 65 12.90 2.78 -21.30
N PHE F 66 13.87 2.53 -20.41
CA PHE F 66 13.58 1.71 -19.23
C PHE F 66 12.56 2.40 -18.32
N ASP F 67 12.68 3.73 -18.16
CA ASP F 67 11.75 4.46 -17.31
C ASP F 67 10.29 4.21 -17.70
N GLU F 68 10.00 4.20 -19.01
CA GLU F 68 8.61 4.01 -19.42
C GLU F 68 8.17 2.56 -19.26
N ARG F 69 9.07 1.61 -19.54
CA ARG F 69 8.72 0.22 -19.30
C ARG F 69 8.33 -0.01 -17.85
N ARG F 70 9.09 0.58 -16.91
CA ARG F 70 8.77 0.41 -15.50
C ARG F 70 7.43 1.04 -15.16
N HIS F 71 7.16 2.25 -15.66
CA HIS F 71 5.87 2.89 -15.40
C HIS F 71 4.72 1.97 -15.76
N VAL F 72 4.78 1.33 -16.94
CA VAL F 72 3.70 0.45 -17.35
C VAL F 72 3.60 -0.74 -16.40
N ALA F 73 4.71 -1.42 -16.15
CA ALA F 73 4.68 -2.65 -15.36
C ALA F 73 4.21 -2.38 -13.93
N MET F 74 4.62 -1.24 -13.36
CA MET F 74 4.31 -0.95 -11.97
C MET F 74 2.89 -0.45 -11.75
N ASN F 75 2.25 0.12 -12.78
CA ASN F 75 0.94 0.78 -12.62
C ASN F 75 -0.19 0.09 -13.36
N LEU F 76 0.09 -0.96 -14.11
CA LEU F 76 -0.92 -1.58 -14.95
C LEU F 76 -1.64 -2.75 -14.27
N LYS G 1 22.70 11.22 -7.46
CA LYS G 1 22.58 12.24 -6.38
C LYS G 1 21.18 12.82 -6.35
N VAL G 2 20.60 12.88 -5.15
CA VAL G 2 19.30 13.53 -4.97
C VAL G 2 19.54 15.02 -4.77
N GLN G 3 18.94 15.83 -5.65
CA GLN G 3 18.90 17.29 -5.52
C GLN G 3 17.45 17.73 -5.61
N LEU G 4 17.10 18.76 -4.85
CA LEU G 4 15.73 19.29 -4.81
C LEU G 4 15.69 20.66 -5.49
N GLN G 5 14.85 20.78 -6.53
CA GLN G 5 14.69 22.01 -7.29
C GLN G 5 13.36 22.66 -6.91
N GLU G 6 13.40 23.92 -6.52
CA GLU G 6 12.26 24.68 -6.04
C GLU G 6 11.83 25.77 -7.02
N SER G 7 10.56 26.14 -6.95
CA SER G 7 10.03 27.24 -7.75
C SER G 7 8.70 27.71 -7.16
N GLY G 8 8.35 28.97 -7.46
CA GLY G 8 7.08 29.52 -7.01
C GLY G 8 7.13 30.61 -5.94
N GLY G 9 8.29 31.18 -5.63
CA GLY G 9 8.38 32.25 -4.65
C GLY G 9 7.92 33.59 -5.19
N GLY G 10 8.46 34.67 -4.63
CA GLY G 10 8.25 36.01 -5.11
C GLY G 10 7.38 36.85 -4.19
N LEU G 11 6.97 38.01 -4.71
CA LEU G 11 6.17 38.98 -3.98
C LEU G 11 4.68 38.68 -4.07
N VAL G 12 3.96 39.05 -3.02
CA VAL G 12 2.50 38.98 -3.03
C VAL G 12 1.94 40.02 -2.05
N GLN G 13 0.80 40.59 -2.42
CA GLN G 13 0.16 41.55 -1.53
C GLN G 13 -0.61 40.83 -0.44
N VAL G 14 -0.79 41.52 0.69
CA VAL G 14 -1.43 40.92 1.86
C VAL G 14 -2.77 40.31 1.49
N GLY G 15 -3.13 39.22 2.16
CA GLY G 15 -4.34 38.50 1.82
C GLY G 15 -4.24 37.66 0.56
N GLY G 16 -3.12 37.71 -0.15
CA GLY G 16 -2.97 37.02 -1.41
C GLY G 16 -2.63 35.55 -1.22
N SER G 17 -2.23 34.92 -2.33
CA SER G 17 -1.96 33.49 -2.34
C SER G 17 -0.69 33.20 -3.12
N LEU G 18 0.02 32.14 -2.70
CA LEU G 18 1.17 31.61 -3.40
C LEU G 18 1.05 30.09 -3.44
N ARG G 19 1.72 29.51 -4.44
CA ARG G 19 1.98 28.09 -4.47
C ARG G 19 3.48 27.91 -4.56
N LEU G 20 4.06 27.21 -3.59
CA LEU G 20 5.47 26.81 -3.64
C LEU G 20 5.55 25.39 -4.19
N SER G 21 6.51 25.17 -5.10
CA SER G 21 6.68 23.85 -5.74
C SER G 21 8.10 23.34 -5.57
N CYS G 22 8.22 22.02 -5.40
CA CYS G 22 9.51 21.37 -5.20
C CYS G 22 9.52 20.00 -5.88
N LYS G 23 10.56 19.73 -6.67
CA LYS G 23 10.73 18.46 -7.35
C LYS G 23 12.02 17.78 -6.90
N ALA G 24 11.92 16.55 -6.45
CA ALA G 24 13.09 15.82 -5.99
C ALA G 24 13.62 14.93 -7.10
N SER G 25 14.89 15.13 -7.45
CA SER G 25 15.50 14.30 -8.47
C SER G 25 15.95 12.98 -7.90
N GLY G 26 16.26 12.05 -8.78
CA GLY G 26 16.75 10.76 -8.33
C GLY G 26 15.83 9.59 -8.14
N PHE G 27 16.13 8.84 -7.10
CA PHE G 27 15.45 7.60 -6.77
C PHE G 27 14.26 7.70 -5.80
N THR G 28 13.10 7.23 -6.24
CA THR G 28 11.93 7.16 -5.37
C THR G 28 12.13 6.08 -4.31
N PHE G 29 12.33 6.52 -3.07
CA PHE G 29 12.36 5.62 -1.94
C PHE G 29 10.98 5.03 -1.69
N ARG G 30 10.96 3.81 -1.17
CA ARG G 30 9.69 3.12 -0.97
C ARG G 30 8.76 3.98 -0.12
N SER G 31 9.30 4.66 0.85
CA SER G 31 8.54 5.53 1.74
C SER G 31 9.33 6.82 1.91
N SER G 32 8.63 7.95 1.96
CA SER G 32 9.33 9.20 2.19
C SER G 32 8.36 10.25 2.68
N ALA G 33 8.92 11.24 3.37
CA ALA G 33 8.21 12.44 3.77
C ALA G 33 8.79 13.63 3.03
N MET G 34 7.92 14.45 2.45
CA MET G 34 8.34 15.69 1.80
C MET G 34 7.51 16.83 2.38
N GLY G 35 8.11 18.01 2.41
CA GLY G 35 7.44 19.15 3.01
C GLY G 35 8.24 20.41 2.85
N TRP G 36 7.86 21.42 3.62
CA TRP G 36 8.49 22.73 3.58
C TRP G 36 8.80 23.31 4.93
N TYR G 37 9.95 23.95 5.01
CA TYR G 37 10.41 24.62 6.21
C TYR G 37 10.70 26.06 5.83
N ARG G 38 10.47 26.99 6.75
CA ARG G 38 10.74 28.38 6.46
C ARG G 38 11.71 28.98 7.46
N ARG G 39 12.39 30.04 7.06
CA ARG G 39 13.25 30.79 7.96
C ARG G 39 13.08 32.29 7.79
N ALA G 40 12.40 32.91 8.75
CA ALA G 40 12.19 34.34 8.75
C ALA G 40 13.43 35.04 9.31
N PRO G 41 13.65 36.30 8.94
CA PRO G 41 14.90 36.96 9.36
C PRO G 41 15.03 37.00 10.88
N GLY G 42 16.23 36.69 11.35
CA GLY G 42 16.54 36.65 12.77
C GLY G 42 15.96 35.50 13.55
N LYS G 43 15.06 34.70 12.99
CA LYS G 43 14.42 33.61 13.71
C LYS G 43 15.05 32.26 13.35
N GLN G 44 14.56 31.22 14.03
CA GLN G 44 15.04 29.87 13.88
C GLN G 44 14.14 29.12 12.92
N ARG G 45 14.74 28.23 12.13
CA ARG G 45 14.00 27.52 11.10
C ARG G 45 12.92 26.63 11.71
N GLU G 46 11.69 26.80 11.23
CA GLU G 46 10.53 26.07 11.72
C GLU G 46 9.85 25.29 10.60
N LEU G 47 9.12 24.25 11.01
CA LEU G 47 8.32 23.45 10.08
C LEU G 47 7.11 24.25 9.61
N VAL G 48 6.89 24.26 8.29
CA VAL G 48 5.69 24.83 7.70
C VAL G 48 4.67 23.72 7.47
N ALA G 49 5.02 22.75 6.62
CA ALA G 49 4.13 21.66 6.30
C ALA G 49 4.91 20.49 5.73
N SER G 50 4.49 19.26 6.07
CA SER G 50 5.09 18.05 5.50
C SER G 50 4.01 16.97 5.39
N LEU G 51 4.24 16.05 4.46
CA LEU G 51 3.27 15.02 4.10
C LEU G 51 3.95 13.68 3.85
N THR G 52 3.65 12.67 4.65
CA THR G 52 4.21 11.35 4.40
C THR G 52 3.64 10.78 3.10
N THR G 53 4.28 9.73 2.58
CA THR G 53 3.80 9.11 1.35
C THR G 53 2.37 8.62 1.49
N THR G 54 2.01 8.14 2.69
CA THR G 54 0.69 7.58 2.90
C THR G 54 -0.39 8.64 3.03
N GLY G 55 0.01 9.91 3.12
CA GLY G 55 -0.93 11.02 3.07
C GLY G 55 -1.26 11.68 4.38
N THR G 56 -0.44 11.52 5.42
CA THR G 56 -0.65 12.22 6.67
C THR G 56 0.09 13.54 6.64
N ALA G 57 -0.60 14.60 7.05
CA ALA G 57 -0.05 15.97 7.03
C ALA G 57 0.28 16.43 8.44
N ASP G 58 1.31 17.27 8.55
CA ASP G 58 1.69 17.89 9.80
C ASP G 58 1.93 19.37 9.54
N TYR G 59 1.26 20.23 10.31
CA TYR G 59 1.34 21.67 10.10
C TYR G 59 1.86 22.38 11.34
N GLY G 60 2.60 23.47 11.10
CA GLY G 60 2.97 24.37 12.18
C GLY G 60 1.76 25.03 12.79
N ASP G 61 1.96 25.58 14.00
CA ASP G 61 0.86 26.20 14.72
C ASP G 61 0.30 27.40 13.95
N PHE G 62 1.19 28.26 13.45
CA PHE G 62 0.77 29.49 12.79
C PHE G 62 -0.03 29.24 11.52
N VAL G 63 0.02 28.02 10.96
CA VAL G 63 -0.56 27.79 9.64
C VAL G 63 -2.05 28.13 9.65
N LYS G 64 -2.80 27.58 10.60
CA LYS G 64 -4.21 27.92 10.79
C LYS G 64 -5.02 27.71 9.50
N GLY G 65 -4.89 26.51 8.93
CA GLY G 65 -5.70 26.12 7.80
C GLY G 65 -5.51 26.93 6.53
N ARG G 66 -4.55 27.86 6.54
CA ARG G 66 -4.35 28.74 5.40
C ARG G 66 -3.57 28.05 4.30
N PHE G 67 -2.69 27.13 4.66
CA PHE G 67 -1.89 26.43 3.66
C PHE G 67 -2.32 24.98 3.46
N THR G 68 -2.16 24.49 2.24
CA THR G 68 -2.51 23.12 1.91
C THR G 68 -1.36 22.45 1.20
N ILE G 69 -0.93 21.29 1.71
CA ILE G 69 0.17 20.56 1.13
C ILE G 69 -0.31 19.36 0.31
N SER G 70 0.15 19.28 -0.94
CA SER G 70 -0.20 18.17 -1.81
C SER G 70 1.07 17.56 -2.37
N ARG G 71 0.96 16.32 -2.83
CA ARG G 71 2.12 15.58 -3.27
C ARG G 71 1.75 14.66 -4.42
N ASP G 72 2.61 14.58 -5.43
CA ASP G 72 2.48 13.62 -6.52
C ASP G 72 3.71 12.73 -6.44
N ASN G 73 3.51 11.53 -5.90
CA ASN G 73 4.57 10.57 -5.64
C ASN G 73 5.28 9.99 -6.86
N ALA G 74 4.58 9.89 -7.97
CA ALA G 74 5.17 9.34 -9.18
C ALA G 74 6.40 10.12 -9.59
N GLU G 75 6.24 11.42 -9.79
CA GLU G 75 7.33 12.27 -10.21
C GLU G 75 8.06 12.96 -9.06
N ASN G 76 7.82 12.47 -7.84
CA ASN G 76 8.46 12.99 -6.63
C ASN G 76 8.35 14.50 -6.43
N THR G 77 7.14 15.02 -6.40
CA THR G 77 6.97 16.46 -6.19
C THR G 77 6.18 16.70 -4.91
N VAL G 78 6.35 17.91 -4.36
CA VAL G 78 5.54 18.39 -3.23
C VAL G 78 5.13 19.83 -3.49
N ASP G 79 3.88 20.14 -3.22
CA ASP G 79 3.33 21.46 -3.52
C ASP G 79 2.70 22.04 -2.26
N LEU G 80 2.97 23.32 -2.01
CA LEU G 80 2.39 24.04 -0.88
C LEU G 80 1.58 25.21 -1.41
N HIS G 81 0.26 25.15 -1.24
CA HIS G 81 -0.63 26.23 -1.66
C HIS G 81 -0.97 27.10 -0.45
N MET G 82 -0.52 28.35 -0.47
CA MET G 82 -0.64 29.26 0.65
C MET G 82 -1.70 30.32 0.34
N ASN G 83 -2.65 30.48 1.25
CA ASN G 83 -3.75 31.43 1.08
C ASN G 83 -3.80 32.40 2.26
N SER G 84 -4.44 33.54 2.03
CA SER G 84 -4.62 34.53 3.08
C SER G 84 -3.30 34.84 3.76
N LEU G 85 -2.31 35.22 2.96
CA LEU G 85 -0.97 35.43 3.48
C LEU G 85 -0.88 36.73 4.28
N LYS G 86 0.13 36.80 5.13
CA LYS G 86 0.28 37.84 6.12
C LYS G 86 1.74 38.26 6.16
N PRO G 87 2.03 39.44 6.72
CA PRO G 87 3.44 39.90 6.74
C PRO G 87 4.41 38.95 7.42
N GLU G 88 3.99 38.28 8.50
CA GLU G 88 4.91 37.37 9.17
C GLU G 88 5.30 36.19 8.29
N ASP G 89 4.55 35.93 7.23
CA ASP G 89 4.86 34.81 6.35
C ASP G 89 6.07 35.09 5.46
N THR G 90 6.68 36.28 5.58
CA THR G 90 7.86 36.63 4.82
C THR G 90 9.05 35.83 5.32
N ALA G 91 9.64 35.01 4.45
CA ALA G 91 10.74 34.15 4.85
C ALA G 91 11.33 33.49 3.62
N VAL G 92 12.42 32.77 3.84
CA VAL G 92 12.97 31.86 2.85
C VAL G 92 12.36 30.49 3.12
N TYR G 93 11.74 29.90 2.10
CA TYR G 93 11.05 28.63 2.26
C TYR G 93 11.89 27.52 1.63
N TYR G 94 12.21 26.50 2.43
CA TYR G 94 13.06 25.39 2.02
C TYR G 94 12.24 24.11 1.90
N CYS G 95 12.49 23.36 0.84
CA CYS G 95 11.90 22.05 0.64
C CYS G 95 12.79 20.98 1.29
N HIS G 96 12.16 19.85 1.65
CA HIS G 96 12.90 18.75 2.28
C HIS G 96 12.31 17.42 1.88
N GLU G 97 13.18 16.41 1.81
CA GLU G 97 12.78 15.01 1.62
C GLU G 97 13.46 14.16 2.67
N ASP G 98 12.68 13.31 3.34
CA ASP G 98 13.18 12.44 4.40
C ASP G 98 12.95 11.00 3.97
N PRO G 99 13.95 10.33 3.40
CA PRO G 99 13.76 8.92 3.03
C PRO G 99 13.28 8.12 4.23
N TYR G 100 12.21 7.35 4.03
CA TYR G 100 11.63 6.54 5.08
C TYR G 100 11.15 7.38 6.26
N GLY G 101 10.85 8.65 6.00
CA GLY G 101 10.34 9.51 7.05
C GLY G 101 11.32 9.75 8.18
N MET G 102 12.62 9.67 7.90
CA MET G 102 13.64 9.75 8.93
C MET G 102 14.36 11.09 8.81
N GLU G 103 14.33 11.86 9.88
CA GLU G 103 14.89 13.21 9.84
C GLU G 103 16.40 13.19 9.64
N SER G 104 17.08 12.13 10.06
CA SER G 104 18.53 12.07 9.95
C SER G 104 19.00 11.92 8.51
N LEU G 105 18.13 11.46 7.60
CA LEU G 105 18.50 11.30 6.20
C LEU G 105 18.02 12.45 5.34
N ARG G 106 17.62 13.56 5.97
CA ARG G 106 16.93 14.62 5.24
C ARG G 106 17.81 15.26 4.18
N TYR G 107 17.22 15.48 3.01
CA TYR G 107 17.77 16.32 1.95
C TYR G 107 17.13 17.70 2.05
N TRP G 108 17.89 18.74 1.71
CA TRP G 108 17.40 20.11 1.75
C TRP G 108 17.42 20.73 0.38
N GLY G 109 16.41 21.56 0.09
CA GLY G 109 16.53 22.48 -1.02
C GLY G 109 17.34 23.71 -0.62
N GLN G 110 17.78 24.46 -1.62
CA GLN G 110 18.61 25.63 -1.34
C GLN G 110 17.82 26.88 -0.98
N GLY G 111 16.50 26.87 -1.12
CA GLY G 111 15.72 28.03 -0.71
C GLY G 111 15.04 28.94 -1.71
N THR G 112 13.78 29.27 -1.41
CA THR G 112 12.96 30.16 -2.23
C THR G 112 12.45 31.26 -1.32
N GLN G 113 12.55 32.51 -1.78
CA GLN G 113 12.11 33.64 -0.97
C GLN G 113 10.67 34.06 -1.21
N VAL G 114 9.94 34.28 -0.12
CA VAL G 114 8.56 34.73 -0.18
C VAL G 114 8.44 36.04 0.61
N THR G 115 7.83 37.05 0.02
CA THR G 115 7.73 38.35 0.69
C THR G 115 6.31 38.88 0.49
N VAL G 116 5.65 39.21 1.61
CA VAL G 116 4.31 39.78 1.59
C VAL G 116 4.42 41.26 1.92
N SER G 117 3.81 42.09 1.08
CA SER G 117 3.85 43.54 1.27
C SER G 117 2.99 43.93 2.47
N PRO H 14 40.69 2.06 -1.55
CA PRO H 14 39.63 2.01 -0.55
C PRO H 14 40.13 2.53 0.79
N GLN H 15 39.26 3.24 1.50
CA GLN H 15 39.62 3.92 2.73
C GLN H 15 38.71 3.45 3.86
N ARG H 16 39.28 3.18 5.03
CA ARG H 16 38.48 2.98 6.23
C ARG H 16 37.85 4.30 6.65
N VAL H 17 36.53 4.29 6.81
CA VAL H 17 35.75 5.48 7.12
C VAL H 17 34.94 5.24 8.38
N VAL H 18 34.81 6.27 9.20
CA VAL H 18 33.96 6.22 10.39
C VAL H 18 32.97 7.39 10.30
N THR H 19 31.68 7.09 10.51
CA THR H 19 30.65 8.11 10.39
C THR H 19 30.42 8.81 11.74
N LYS H 20 29.65 9.90 11.70
CA LYS H 20 29.43 10.69 12.91
C LYS H 20 28.82 9.88 14.04
N LYS H 21 28.10 8.80 13.74
CA LYS H 21 27.51 7.97 14.78
C LYS H 21 28.31 6.71 15.06
N GLY H 22 29.56 6.64 14.59
CA GLY H 22 30.40 5.51 14.93
C GLY H 22 30.19 4.28 14.06
N ARG H 23 29.64 4.45 12.86
CA ARG H 23 29.60 3.36 11.90
C ARG H 23 30.98 3.29 11.25
N THR H 24 31.48 2.08 11.03
CA THR H 24 32.78 1.89 10.40
C THR H 24 32.56 1.03 9.16
N PHE H 25 33.06 1.51 8.02
CA PHE H 25 32.89 0.82 6.75
C PHE H 25 34.13 0.96 5.89
N LEU H 26 34.21 0.08 4.88
CA LEU H 26 35.22 0.14 3.85
C LEU H 26 34.60 0.84 2.64
N TYR H 27 35.12 2.01 2.33
CA TYR H 27 34.57 2.89 1.30
C TYR H 27 35.46 2.78 0.09
N PRO H 28 34.91 2.41 -1.08
CA PRO H 28 33.50 2.24 -1.44
C PRO H 28 32.98 0.81 -1.38
N ASN H 29 33.85 -0.16 -1.06
CA ASN H 29 33.51 -1.56 -1.29
C ASN H 29 32.26 -1.98 -0.50
N ASP H 30 32.15 -1.57 0.76
CA ASP H 30 30.97 -1.92 1.56
C ASP H 30 29.68 -1.33 1.04
N LEU H 31 29.74 -0.47 0.02
CA LEU H 31 28.54 0.13 -0.55
C LEU H 31 28.19 -0.44 -1.93
N LEU H 32 28.91 -1.47 -2.39
CA LEU H 32 28.73 -2.04 -3.72
C LEU H 32 28.08 -3.41 -3.69
N GLN H 33 27.31 -3.69 -2.65
CA GLN H 33 26.77 -5.03 -2.43
C GLN H 33 25.24 -5.02 -2.57
N THR H 34 24.68 -6.22 -2.70
CA THR H 34 23.23 -6.35 -2.80
C THR H 34 22.56 -6.01 -1.48
N ASN H 35 23.24 -6.24 -0.36
CA ASN H 35 22.66 -5.95 0.93
C ASN H 35 23.31 -4.71 1.53
N PRO H 36 22.57 -3.91 2.28
CA PRO H 36 23.20 -2.83 3.04
C PRO H 36 24.12 -3.43 4.07
N PRO H 37 25.15 -2.70 4.50
CA PRO H 37 25.94 -3.19 5.63
C PRO H 37 25.02 -3.48 6.81
N GLU H 38 25.14 -4.68 7.38
CA GLU H 38 24.13 -5.10 8.35
C GLU H 38 24.04 -4.13 9.51
N SER H 39 25.13 -3.41 9.79
CA SER H 39 25.10 -2.42 10.85
C SER H 39 23.98 -1.40 10.63
N LEU H 40 23.73 -1.03 9.37
CA LEU H 40 22.64 -0.09 9.10
C LEU H 40 21.29 -0.72 9.44
N ILE H 41 21.12 -2.01 9.12
CA ILE H 41 19.88 -2.68 9.47
C ILE H 41 19.73 -2.76 10.99
N THR H 42 20.81 -3.11 11.67
CA THR H 42 20.77 -3.19 13.12
C THR H 42 20.41 -1.85 13.74
N ALA H 43 20.93 -0.76 13.19
CA ALA H 43 20.64 0.56 13.75
C ALA H 43 19.15 0.90 13.63
N LEU H 44 18.55 0.67 12.47
CA LEU H 44 17.17 1.03 12.28
C LEU H 44 16.27 0.24 13.23
N VAL H 45 16.61 -1.01 13.49
CA VAL H 45 15.77 -1.89 14.31
C VAL H 45 15.90 -1.54 15.79
N GLU H 46 17.14 -1.43 16.27
CA GLU H 46 17.40 -1.27 17.70
C GLU H 46 17.64 0.18 18.11
N GLU H 47 18.38 0.97 17.32
CA GLU H 47 18.58 2.37 17.68
C GLU H 47 17.33 3.20 17.41
N TYR H 48 16.84 3.18 16.16
CA TYR H 48 15.69 3.99 15.77
C TYR H 48 14.35 3.33 16.11
N GLN H 49 14.33 2.04 16.42
CA GLN H 49 13.09 1.30 16.66
C GLN H 49 12.09 1.53 15.53
N ASN H 50 12.55 1.32 14.30
CA ASN H 50 11.73 1.49 13.10
C ASN H 50 11.95 0.26 12.24
N PRO H 51 11.37 -0.88 12.64
CA PRO H 51 11.61 -2.11 11.88
C PRO H 51 11.18 -2.02 10.44
N VAL H 52 10.14 -1.25 10.13
CA VAL H 52 9.68 -1.14 8.75
C VAL H 52 10.75 -0.48 7.88
N SER H 53 11.38 0.59 8.39
CA SER H 53 12.45 1.23 7.64
C SER H 53 13.48 0.21 7.20
N ALA H 54 13.82 -0.73 8.07
CA ALA H 54 14.78 -1.77 7.72
C ALA H 54 14.30 -2.60 6.53
N LYS H 55 13.02 -2.99 6.52
CA LYS H 55 12.51 -3.76 5.40
C LYS H 55 12.56 -2.96 4.11
N GLU H 56 12.26 -1.66 4.18
CA GLU H 56 12.20 -0.85 2.98
C GLU H 56 13.60 -0.55 2.46
N LEU H 57 14.56 -0.32 3.37
CA LEU H 57 15.95 -0.16 2.95
C LEU H 57 16.50 -1.45 2.37
N GLN H 58 16.21 -2.58 3.02
CA GLN H 58 16.63 -3.88 2.49
C GLN H 58 16.03 -4.14 1.12
N ALA H 59 14.86 -3.58 0.86
CA ALA H 59 14.19 -3.78 -0.42
C ALA H 59 14.66 -2.78 -1.47
N ASP H 60 14.93 -1.52 -1.08
CA ASP H 60 15.35 -0.50 -2.02
C ASP H 60 16.83 -0.61 -2.40
N TRP H 61 17.66 -1.21 -1.54
CA TRP H 61 19.10 -1.13 -1.72
C TRP H 61 19.56 -1.60 -3.09
N PRO H 62 19.23 -2.83 -3.46
CA PRO H 62 19.68 -3.36 -4.76
C PRO H 62 19.39 -2.40 -5.91
N ASP H 63 18.48 -1.46 -5.69
CA ASP H 63 18.08 -0.52 -6.72
C ASP H 63 18.63 0.89 -6.61
N MET H 64 19.20 1.23 -5.45
CA MET H 64 19.72 2.56 -5.24
C MET H 64 21.07 2.86 -5.87
N SER H 65 21.21 4.09 -6.36
CA SER H 65 22.46 4.58 -6.91
C SER H 65 23.52 4.66 -5.83
N PHE H 66 24.78 4.82 -6.26
CA PHE H 66 25.86 4.83 -5.28
C PHE H 66 25.74 6.03 -4.35
N ASP H 67 25.50 7.23 -4.92
CA ASP H 67 25.39 8.42 -4.09
C ASP H 67 24.35 8.24 -3.01
N GLU H 68 23.21 7.64 -3.35
CA GLU H 68 22.13 7.49 -2.38
C GLU H 68 22.46 6.43 -1.33
N ARG H 69 23.13 5.34 -1.73
CA ARG H 69 23.61 4.38 -0.74
C ARG H 69 24.58 5.05 0.22
N ARG H 70 25.47 5.89 -0.31
CA ARG H 70 26.42 6.61 0.54
C ARG H 70 25.70 7.57 1.46
N HIS H 71 24.71 8.28 0.93
CA HIS H 71 23.96 9.21 1.75
C HIS H 71 23.43 8.52 2.99
N VAL H 72 22.80 7.36 2.81
CA VAL H 72 22.25 6.62 3.95
C VAL H 72 23.38 6.20 4.89
N ALA H 73 24.45 5.63 4.33
CA ALA H 73 25.51 5.09 5.16
C ALA H 73 26.16 6.18 6.01
N MET H 74 26.32 7.37 5.44
CA MET H 74 27.01 8.45 6.15
C MET H 74 26.12 9.15 7.17
N ASN H 75 24.79 9.15 6.98
CA ASN H 75 23.89 9.97 7.78
C ASN H 75 22.96 9.18 8.68
N LEU H 76 22.98 7.86 8.61
CA LEU H 76 22.09 7.06 9.40
C LEU H 76 22.73 6.65 10.71
#